data_8D5N
#
_entry.id   8D5N
#
_cell.length_a   121.503
_cell.length_b   139.816
_cell.length_c   87.344
_cell.angle_alpha   90.000
_cell.angle_beta   130.824
_cell.angle_gamma   90.000
#
_symmetry.space_group_name_H-M   'C 1 2 1'
#
loop_
_entity.id
_entity.type
_entity.pdbx_description
1 polymer 'H-2 class I histocompatibility antigen, L-D alpha chain'
2 polymer 'Dense granule protein 6, HF10 peptide'
3 polymer Beta-2-microglobulin
4 non-polymer 2-acetamido-2-deoxy-beta-D-glucopyranose
5 non-polymer 'TETRAETHYLENE GLYCOL'
6 non-polymer 'PROPANOIC ACID'
7 non-polymer 1,2-ETHANEDIOL
8 water water
#
loop_
_entity_poly.entity_id
_entity_poly.type
_entity_poly.pdbx_seq_one_letter_code
_entity_poly.pdbx_strand_id
1 'polypeptide(L)'
;GPHSMRYFETAVSRPGLGEPRYISVGYVDNKEFVRFDSDAENPRYEPQAPWMEQEGPEYWERITQIAKGQEQWFRVNLRT
LLGCYNQSAGGTHTLQWMYGCDVGSDGRLLRGYEQFAYDGSDYIALNEDLKTWTAADMAAQITRRKWEQAGAAEYYRAYL
EGECVEWLHRYLKNGNATLLRTDSPKAHVTHHPRSKGEVTLRCWALGFYPADITLTWQLNGEELTQDMELVETRPAGDGT
FQKWASVVVPLGKEQNYTCRVYHEGLPEPLTLRWQSTRGGAS
;
C,A
2 'polypeptide(L)' HPGSVNEFDFGCGGSG E,B
3 'polypeptide(L)'
;GGSGGIQKTPQIQVYSRHPPENGKPNILNCYVTQFHPPHIEIQMLKNGKKIPKVEMSDMSFSKDWSFYILAHTEFTPTET
DTYACRVKHASMAEPKTVYWDRDM
;
F,H
#
loop_
_chem_comp.id
_chem_comp.type
_chem_comp.name
_chem_comp.formula
EDO non-polymer 1,2-ETHANEDIOL 'C2 H6 O2'
NAG D-saccharide, beta linking 2-acetamido-2-deoxy-beta-D-glucopyranose 'C8 H15 N O6'
PG4 non-polymer 'TETRAETHYLENE GLYCOL' 'C8 H18 O5'
PPI non-polymer 'PROPANOIC ACID' 'C3 H6 O2'
#
# COMPACT_ATOMS: atom_id res chain seq x y z
N GLY A 1 2.75 2.22 1.53
CA GLY A 1 3.71 1.12 1.34
C GLY A 1 3.45 0.01 2.37
N PRO A 2 3.15 -1.21 1.95
CA PRO A 2 3.15 -2.34 2.89
C PRO A 2 4.59 -2.65 3.33
N HIS A 3 4.72 -3.33 4.47
CA HIS A 3 6.05 -3.67 5.06
C HIS A 3 6.07 -5.14 5.51
N SER A 4 7.26 -5.68 5.67
CA SER A 4 7.42 -7.08 6.11
C SER A 4 8.58 -7.16 7.10
N MET A 5 8.53 -8.14 8.02
CA MET A 5 9.73 -8.57 8.70
C MET A 5 9.93 -10.02 8.31
N ARG A 6 11.18 -10.40 8.09
CA ARG A 6 11.44 -11.80 7.68
C ARG A 6 12.76 -12.23 8.33
N TYR A 7 12.83 -13.49 8.72
CA TYR A 7 14.08 -14.08 9.19
C TYR A 7 14.43 -15.26 8.25
N PHE A 8 15.72 -15.37 8.00
CA PHE A 8 16.36 -16.39 7.17
C PHE A 8 17.33 -17.15 8.03
N GLU A 9 16.95 -18.38 8.42
CA GLU A 9 17.80 -19.22 9.34
C GLU A 9 18.29 -20.43 8.60
N THR A 10 19.59 -20.71 8.63
CA THR A 10 20.24 -21.78 7.86
C THR A 10 21.21 -22.48 8.77
N ALA A 11 21.19 -23.79 8.79
CA ALA A 11 22.34 -24.59 9.29
C ALA A 11 22.84 -25.48 8.17
N VAL A 12 24.15 -25.57 8.08
CA VAL A 12 24.81 -26.37 7.04
C VAL A 12 25.90 -27.23 7.68
N SER A 13 25.82 -28.53 7.46
CA SER A 13 26.81 -29.48 8.03
C SER A 13 28.12 -29.41 7.20
N ARG A 14 29.25 -29.77 7.83
CA ARG A 14 30.58 -29.75 7.14
C ARG A 14 31.39 -30.90 7.73
N PRO A 15 30.99 -32.12 7.39
CA PRO A 15 31.46 -33.29 8.15
C PRO A 15 33.00 -33.37 8.21
N GLY A 16 33.50 -33.63 9.41
CA GLY A 16 34.94 -33.71 9.73
C GLY A 16 35.54 -32.35 9.93
N LEU A 17 34.83 -31.23 9.65
CA LEU A 17 35.44 -29.88 9.80
C LEU A 17 34.91 -29.18 11.04
N GLY A 18 33.84 -29.69 11.61
CA GLY A 18 33.34 -29.21 12.89
C GLY A 18 31.84 -29.32 12.84
N GLU A 19 31.21 -28.76 13.87
CA GLU A 19 29.74 -28.73 14.03
C GLU A 19 29.16 -27.93 12.90
N PRO A 20 27.85 -28.04 12.63
CA PRO A 20 27.25 -27.26 11.55
C PRO A 20 27.29 -25.77 11.83
N ARG A 21 27.37 -24.97 10.77
CA ARG A 21 27.42 -23.50 10.91
C ARG A 21 25.98 -23.04 10.87
N TYR A 22 25.55 -22.25 11.87
CA TYR A 22 24.17 -21.72 12.04
C TYR A 22 24.20 -20.23 11.81
N ILE A 23 23.34 -19.72 10.91
CA ILE A 23 23.27 -18.28 10.62
C ILE A 23 21.83 -17.86 10.63
N SER A 24 21.51 -16.73 11.26
CA SER A 24 20.13 -16.19 11.25
C SER A 24 20.26 -14.75 10.85
N VAL A 25 19.50 -14.33 9.83
CA VAL A 25 19.57 -12.93 9.40
C VAL A 25 18.14 -12.45 9.43
N GLY A 26 17.92 -11.29 10.04
CA GLY A 26 16.63 -10.62 10.04
C GLY A 26 16.56 -9.41 9.12
N TYR A 27 15.42 -9.21 8.50
CA TYR A 27 15.16 -8.10 7.55
C TYR A 27 13.87 -7.40 7.95
N VAL A 28 13.87 -6.07 7.85
CA VAL A 28 12.60 -5.31 7.70
C VAL A 28 12.62 -4.81 6.24
N ASP A 29 11.60 -5.13 5.47
CA ASP A 29 11.61 -4.97 4.01
C ASP A 29 12.92 -5.59 3.52
N ASN A 30 13.76 -4.82 2.79
CA ASN A 30 15.03 -5.35 2.26
C ASN A 30 16.23 -4.74 3.00
N LYS A 31 16.06 -4.40 4.26
CA LYS A 31 17.16 -3.89 5.08
C LYS A 31 17.48 -4.94 6.17
N GLU A 32 18.68 -5.47 6.12
CA GLU A 32 19.20 -6.41 7.13
C GLU A 32 19.31 -5.63 8.44
N PHE A 33 18.75 -6.10 9.53
CA PHE A 33 18.86 -5.35 10.82
C PHE A 33 19.55 -6.13 11.93
N VAL A 34 19.56 -7.47 11.90
CA VAL A 34 20.29 -8.24 12.93
C VAL A 34 20.90 -9.45 12.25
N ARG A 35 21.90 -10.01 12.88
CA ARG A 35 22.58 -11.23 12.31
C ARG A 35 23.28 -12.00 13.41
N PHE A 36 23.12 -13.32 13.44
CA PHE A 36 23.85 -14.24 14.31
C PHE A 36 24.65 -15.14 13.33
N ASP A 37 25.89 -15.46 13.70
CA ASP A 37 26.72 -16.43 12.95
C ASP A 37 27.51 -17.27 13.92
N SER A 38 27.28 -18.57 13.96
CA SER A 38 27.89 -19.48 14.95
C SER A 38 29.41 -19.48 14.74
N ASP A 39 29.92 -19.10 13.57
CA ASP A 39 31.40 -19.10 13.36
C ASP A 39 32.05 -17.82 13.87
N ALA A 40 31.33 -16.78 14.22
CA ALA A 40 31.99 -15.59 14.82
C ALA A 40 32.72 -16.00 16.11
N GLU A 41 33.77 -15.27 16.48
CA GLU A 41 34.36 -15.38 17.84
C GLU A 41 33.33 -14.74 18.78
N ASN A 42 32.86 -15.43 19.81
CA ASN A 42 31.78 -14.78 20.58
C ASN A 42 30.48 -14.61 19.78
N PRO A 43 29.89 -15.72 19.35
CA PRO A 43 28.64 -15.65 18.59
C PRO A 43 27.52 -14.96 19.40
N ARG A 44 26.94 -13.88 18.86
CA ARG A 44 25.75 -13.25 19.42
C ARG A 44 25.01 -12.59 18.27
N TYR A 45 23.76 -12.20 18.49
CA TYR A 45 23.06 -11.30 17.56
C TYR A 45 23.74 -9.93 17.57
N GLU A 46 24.00 -9.38 16.40
CA GLU A 46 24.55 -8.00 16.29
C GLU A 46 23.68 -7.16 15.40
N PRO A 47 23.57 -5.86 15.73
CA PRO A 47 22.75 -4.94 14.97
C PRO A 47 23.39 -4.61 13.62
N GLN A 48 22.59 -4.46 12.55
CA GLN A 48 23.10 -4.14 11.18
C GLN A 48 22.40 -2.89 10.67
N ALA A 49 21.50 -2.31 11.50
CA ALA A 49 20.78 -1.07 11.16
C ALA A 49 20.85 -0.06 12.31
N PRO A 50 20.82 1.27 12.05
CA PRO A 50 21.09 2.24 13.12
C PRO A 50 19.95 2.29 14.16
N TRP A 51 18.72 2.00 13.76
CA TRP A 51 17.55 2.04 14.69
C TRP A 51 17.68 0.94 15.75
N MET A 52 18.57 -0.04 15.57
CA MET A 52 18.65 -1.12 16.55
C MET A 52 19.54 -0.68 17.71
N GLU A 53 20.22 0.47 17.65
CA GLU A 53 20.90 1.06 18.85
C GLU A 53 19.90 1.45 19.96
N GLN A 54 18.64 1.62 19.65
CA GLN A 54 17.60 1.91 20.67
C GLN A 54 17.41 0.71 21.63
N GLU A 55 17.68 -0.55 21.24
CA GLU A 55 17.28 -1.71 22.08
C GLU A 55 18.33 -1.79 23.18
N GLY A 56 17.91 -2.20 24.35
CA GLY A 56 18.83 -2.34 25.50
C GLY A 56 19.48 -3.69 25.59
N PRO A 57 20.41 -3.84 26.56
CA PRO A 57 21.14 -5.09 26.77
C PRO A 57 20.24 -6.33 27.04
N GLU A 58 19.06 -6.13 27.60
CA GLU A 58 18.11 -7.23 27.89
C GLU A 58 17.64 -7.85 26.56
N TYR A 59 17.23 -6.99 25.64
CA TYR A 59 16.88 -7.41 24.26
C TYR A 59 18.01 -8.29 23.64
N TRP A 60 19.28 -7.86 23.65
CA TRP A 60 20.36 -8.60 22.97
C TRP A 60 20.63 -9.92 23.68
N GLU A 61 20.56 -9.91 25.00
CA GLU A 61 20.82 -11.13 25.75
C GLU A 61 19.71 -12.13 25.43
N ARG A 62 18.46 -11.72 25.46
CA ARG A 62 17.34 -12.66 25.28
C ARG A 62 17.39 -13.24 23.83
N ILE A 63 17.69 -12.43 22.82
CA ILE A 63 17.60 -13.01 21.44
C ILE A 63 18.86 -13.83 21.18
N THR A 64 19.98 -13.46 21.82
CA THR A 64 21.19 -14.32 21.70
C THR A 64 20.98 -15.68 22.38
N GLN A 65 20.29 -15.75 23.54
CA GLN A 65 19.95 -17.07 24.15
C GLN A 65 19.01 -17.86 23.21
N ILE A 66 18.08 -17.18 22.52
CA ILE A 66 17.22 -17.89 21.55
C ILE A 66 18.14 -18.52 20.47
N ALA A 67 19.06 -17.77 19.90
CA ALA A 67 19.98 -18.30 18.87
C ALA A 67 20.77 -19.50 19.35
N LYS A 68 21.19 -19.52 20.61
CA LYS A 68 21.97 -20.66 21.21
C LYS A 68 21.09 -21.88 21.30
N GLY A 69 19.81 -21.72 21.64
CA GLY A 69 18.88 -22.85 21.68
C GLY A 69 18.50 -23.31 20.25
N GLN A 70 18.25 -22.36 19.37
CA GLN A 70 17.86 -22.63 17.95
C GLN A 70 18.98 -23.34 17.21
N GLU A 71 20.21 -22.93 17.45
CA GLU A 71 21.37 -23.63 16.88
C GLU A 71 21.30 -25.14 17.16
N GLN A 72 20.95 -25.52 18.39
CA GLN A 72 20.95 -26.93 18.77
C GLN A 72 19.76 -27.63 18.13
N TRP A 73 18.60 -26.95 18.02
CA TRP A 73 17.43 -27.49 17.33
C TRP A 73 17.84 -27.77 15.84
N PHE A 74 18.53 -26.89 15.19
CA PHE A 74 18.97 -27.16 13.79
C PHE A 74 19.97 -28.32 13.75
N ARG A 75 20.93 -28.36 14.68
CA ARG A 75 21.96 -29.43 14.64
C ARG A 75 21.26 -30.78 14.88
N VAL A 76 20.33 -30.89 15.83
CA VAL A 76 19.72 -32.24 16.08
CA VAL A 76 19.74 -32.23 16.07
C VAL A 76 18.79 -32.63 14.93
N ASN A 77 18.12 -31.70 14.33
CA ASN A 77 17.14 -32.00 13.26
C ASN A 77 17.95 -32.32 11.98
N LEU A 78 19.12 -31.69 11.78
CA LEU A 78 20.00 -32.17 10.67
C LEU A 78 20.33 -33.65 10.89
N ARG A 79 20.59 -34.04 12.13
CA ARG A 79 21.11 -35.40 12.34
C ARG A 79 19.90 -36.36 12.20
N THR A 80 18.72 -35.98 12.68
CA THR A 80 17.45 -36.74 12.47
C THR A 80 17.25 -36.97 10.94
N LEU A 81 17.36 -35.91 10.17
CA LEU A 81 17.10 -35.98 8.69
C LEU A 81 18.03 -36.96 8.02
N LEU A 82 19.30 -37.08 8.45
CA LEU A 82 20.18 -38.13 7.88
C LEU A 82 19.53 -39.48 8.10
N GLY A 83 18.96 -39.73 9.26
CA GLY A 83 18.40 -41.07 9.50
C GLY A 83 17.05 -41.24 8.76
N CYS A 84 16.32 -40.17 8.51
CA CYS A 84 15.01 -40.27 7.81
C CYS A 84 15.31 -40.70 6.36
N TYR A 85 16.35 -40.10 5.81
CA TYR A 85 16.72 -40.30 4.35
C TYR A 85 17.79 -41.38 4.14
N ASN A 86 18.15 -42.00 5.22
CA ASN A 86 19.19 -43.08 5.22
C ASN A 86 20.47 -42.58 4.54
N GLN A 87 20.93 -41.37 4.89
CA GLN A 87 22.08 -40.74 4.26
C GLN A 87 23.30 -41.01 5.16
N SER A 88 24.48 -41.03 4.57
CA SER A 88 25.71 -41.27 5.35
C SER A 88 26.13 -39.94 5.99
N ALA A 89 26.83 -40.00 7.12
CA ALA A 89 27.47 -38.85 7.77
C ALA A 89 28.58 -38.43 6.79
N GLY A 90 29.14 -37.25 6.77
CA GLY A 90 30.18 -37.11 5.72
C GLY A 90 29.76 -36.31 4.50
N GLY A 91 28.51 -36.38 4.05
CA GLY A 91 27.97 -35.47 3.05
C GLY A 91 27.53 -34.12 3.63
N THR A 92 27.56 -33.07 2.83
CA THR A 92 27.16 -31.72 3.17
C THR A 92 25.64 -31.67 3.06
N HIS A 93 24.95 -31.16 4.07
CA HIS A 93 23.46 -31.10 4.08
C HIS A 93 23.05 -29.75 4.66
N THR A 94 21.84 -29.30 4.32
N THR A 94 21.86 -29.29 4.29
CA THR A 94 21.39 -27.91 4.61
CA THR A 94 21.39 -27.93 4.66
C THR A 94 19.95 -27.96 5.12
C THR A 94 20.00 -28.06 5.22
N LEU A 95 19.67 -27.25 6.20
CA LEU A 95 18.29 -27.07 6.71
C LEU A 95 18.01 -25.58 6.71
N GLN A 96 16.93 -25.12 6.06
CA GLN A 96 16.60 -23.68 5.97
C GLN A 96 15.21 -23.50 6.59
N TRP A 97 14.97 -22.29 7.11
CA TRP A 97 13.71 -21.87 7.72
C TRP A 97 13.56 -20.40 7.37
N MET A 98 12.47 -20.07 6.75
CA MET A 98 12.13 -18.64 6.52
C MET A 98 10.77 -18.41 7.14
N TYR A 99 10.62 -17.27 7.83
CA TYR A 99 9.36 -16.98 8.51
C TYR A 99 9.26 -15.46 8.61
N GLY A 100 8.02 -15.01 8.81
CA GLY A 100 7.83 -13.59 8.99
C GLY A 100 6.40 -13.14 8.77
N CYS A 101 6.25 -11.83 8.72
CA CYS A 101 4.91 -11.20 8.56
C CYS A 101 4.93 -10.07 7.56
N ASP A 102 3.75 -9.87 6.97
CA ASP A 102 3.48 -8.74 6.05
C ASP A 102 2.40 -7.90 6.68
N VAL A 103 2.60 -6.59 6.66
CA VAL A 103 1.54 -5.65 7.10
C VAL A 103 1.23 -4.70 5.93
N GLY A 104 -0.01 -4.21 5.90
CA GLY A 104 -0.43 -3.11 5.03
C GLY A 104 0.18 -1.77 5.38
N SER A 105 -0.12 -0.75 4.53
CA SER A 105 0.35 0.63 4.75
C SER A 105 -0.27 1.17 6.04
N ASP A 106 -1.35 0.60 6.56
CA ASP A 106 -1.94 1.05 7.86
C ASP A 106 -1.44 0.24 9.06
N GLY A 107 -0.57 -0.76 8.83
CA GLY A 107 0.04 -1.61 9.86
C GLY A 107 -0.72 -2.88 10.15
N ARG A 108 -1.85 -3.12 9.54
CA ARG A 108 -2.62 -4.34 9.88
C ARG A 108 -2.01 -5.54 9.17
N LEU A 109 -2.10 -6.68 9.81
CA LEU A 109 -1.49 -7.94 9.36
C LEU A 109 -2.14 -8.37 8.03
N LEU A 110 -1.33 -8.70 7.02
CA LEU A 110 -1.79 -9.21 5.71
C LEU A 110 -1.56 -10.71 5.64
N ARG A 111 -0.41 -11.21 6.11
CA ARG A 111 -0.21 -12.67 6.08
C ARG A 111 1.05 -13.04 6.85
N GLY A 112 1.12 -14.28 7.25
CA GLY A 112 2.33 -14.79 7.90
C GLY A 112 2.86 -15.99 7.16
N TYR A 113 4.12 -16.35 7.42
CA TYR A 113 4.90 -17.39 6.66
C TYR A 113 5.72 -18.22 7.63
N GLU A 114 5.65 -19.54 7.56
CA GLU A 114 6.61 -20.49 8.18
C GLU A 114 6.91 -21.58 7.15
N GLN A 115 8.17 -21.64 6.66
CA GLN A 115 8.54 -22.59 5.59
C GLN A 115 9.90 -23.17 5.94
N PHE A 116 10.02 -24.46 5.77
CA PHE A 116 11.25 -25.25 5.99
C PHE A 116 11.65 -25.96 4.69
N ALA A 117 13.00 -26.08 4.47
CA ALA A 117 13.64 -26.82 3.33
C ALA A 117 14.83 -27.61 3.81
N TYR A 118 14.92 -28.84 3.36
CA TYR A 118 16.09 -29.71 3.50
C TYR A 118 16.77 -29.85 2.13
N ASP A 119 18.06 -29.57 2.10
CA ASP A 119 18.98 -29.73 0.95
C ASP A 119 18.38 -28.97 -0.24
N GLY A 120 17.82 -27.79 0.05
CA GLY A 120 17.40 -26.77 -0.91
C GLY A 120 16.12 -27.11 -1.66
N SER A 121 15.24 -27.94 -1.10
CA SER A 121 13.88 -28.06 -1.64
C SER A 121 12.89 -28.18 -0.52
N ASP A 122 11.66 -27.81 -0.84
CA ASP A 122 10.60 -27.83 0.14
C ASP A 122 10.61 -29.06 1.06
N TYR A 123 10.35 -28.79 2.34
CA TYR A 123 10.14 -29.84 3.38
C TYR A 123 8.68 -29.71 3.87
N ILE A 124 8.41 -28.73 4.71
CA ILE A 124 7.08 -28.56 5.30
C ILE A 124 6.83 -27.06 5.39
N ALA A 125 5.57 -26.66 5.23
CA ALA A 125 5.29 -25.20 5.21
C ALA A 125 3.90 -24.98 5.84
N LEU A 126 3.71 -23.87 6.55
CA LEU A 126 2.39 -23.61 7.14
C LEU A 126 1.59 -22.88 6.04
N ASN A 127 0.34 -23.26 5.89
CA ASN A 127 -0.61 -22.68 4.90
C ASN A 127 -0.98 -21.26 5.35
N GLU A 128 -1.59 -20.53 4.44
CA GLU A 128 -2.01 -19.14 4.64
C GLU A 128 -2.96 -19.03 5.82
N ASP A 129 -3.72 -20.09 6.14
CA ASP A 129 -4.69 -20.12 7.24
C ASP A 129 -3.97 -20.06 8.58
N LEU A 130 -2.64 -20.28 8.61
CA LEU A 130 -1.86 -20.36 9.86
C LEU A 130 -2.38 -21.50 10.71
N LYS A 131 -2.98 -22.51 10.09
CA LYS A 131 -3.51 -23.68 10.85
C LYS A 131 -3.03 -25.03 10.36
N THR A 132 -2.99 -25.24 9.07
CA THR A 132 -2.69 -26.57 8.47
C THR A 132 -1.40 -26.48 7.64
N TRP A 133 -0.75 -27.66 7.44
CA TRP A 133 0.57 -27.81 6.85
C TRP A 133 0.55 -28.45 5.45
N THR A 134 1.47 -28.04 4.60
CA THR A 134 1.76 -28.72 3.30
C THR A 134 3.10 -29.43 3.44
N ALA A 135 3.12 -30.74 3.34
CA ALA A 135 4.29 -31.62 3.41
C ALA A 135 4.70 -31.89 1.96
N ALA A 136 5.93 -31.78 1.63
CA ALA A 136 6.44 -31.90 0.24
C ALA A 136 6.95 -33.30 -0.08
N ASP A 137 7.21 -34.17 0.88
CA ASP A 137 7.70 -35.53 0.58
C ASP A 137 7.27 -36.47 1.70
N MET A 138 7.75 -37.69 1.63
CA MET A 138 7.27 -38.80 2.50
C MET A 138 7.74 -38.53 3.97
N ALA A 139 8.92 -37.98 4.15
CA ALA A 139 9.44 -37.65 5.51
C ALA A 139 8.53 -36.56 6.10
N ALA A 140 8.34 -35.48 5.38
CA ALA A 140 7.50 -34.33 5.83
C ALA A 140 6.05 -34.72 6.09
N GLN A 141 5.56 -35.79 5.46
CA GLN A 141 4.18 -36.29 5.75
C GLN A 141 4.19 -36.85 7.17
N ILE A 142 5.29 -37.49 7.61
CA ILE A 142 5.35 -38.00 9.02
C ILE A 142 5.46 -36.79 9.98
N THR A 143 6.31 -35.79 9.68
CA THR A 143 6.42 -34.61 10.55
C THR A 143 5.02 -33.96 10.65
N ARG A 144 4.30 -33.87 9.53
CA ARG A 144 3.01 -33.16 9.50
C ARG A 144 2.08 -33.84 10.50
N ARG A 145 2.00 -35.16 10.46
CA ARG A 145 1.14 -35.89 11.41
C ARG A 145 1.55 -35.61 12.85
N LYS A 146 2.84 -35.69 13.17
CA LYS A 146 3.31 -35.43 14.54
C LYS A 146 3.03 -34.00 14.93
N TRP A 147 3.27 -33.04 14.04
CA TRP A 147 3.07 -31.63 14.36
C TRP A 147 1.59 -31.27 14.46
N GLU A 148 0.74 -31.91 13.65
CA GLU A 148 -0.76 -31.77 13.86
C GLU A 148 -1.12 -32.23 15.26
N GLN A 149 -0.63 -33.39 15.68
CA GLN A 149 -0.96 -33.93 17.03
C GLN A 149 -0.42 -33.03 18.16
N ALA A 150 0.78 -32.49 18.03
CA ALA A 150 1.42 -31.68 19.06
C ALA A 150 0.89 -30.23 19.09
N GLY A 151 0.13 -29.80 18.09
CA GLY A 151 -0.37 -28.44 17.91
C GLY A 151 0.71 -27.42 17.59
N ALA A 152 1.76 -27.81 16.83
CA ALA A 152 2.87 -26.88 16.46
C ALA A 152 2.33 -25.60 15.89
N ALA A 153 1.32 -25.69 15.02
CA ALA A 153 0.86 -24.53 14.23
C ALA A 153 0.37 -23.45 15.20
N GLU A 154 -0.22 -23.87 16.32
CA GLU A 154 -0.74 -22.83 17.23
C GLU A 154 0.40 -21.96 17.77
N TYR A 155 1.59 -22.50 18.09
CA TYR A 155 2.73 -21.72 18.62
C TYR A 155 3.21 -20.76 17.54
N TYR A 156 3.23 -21.19 16.28
CA TYR A 156 3.75 -20.27 15.21
C TYR A 156 2.76 -19.14 14.96
N ARG A 157 1.48 -19.49 14.89
CA ARG A 157 0.38 -18.52 14.64
C ARG A 157 0.39 -17.44 15.74
N ALA A 158 0.68 -17.81 17.01
CA ALA A 158 0.69 -16.83 18.10
C ALA A 158 1.84 -15.83 17.88
N TYR A 159 3.01 -16.34 17.50
CA TYR A 159 4.13 -15.46 17.12
C TYR A 159 3.75 -14.59 15.95
N LEU A 160 3.25 -15.17 14.85
CA LEU A 160 3.09 -14.40 13.60
C LEU A 160 2.07 -13.26 13.77
N GLU A 161 1.03 -13.48 14.54
CA GLU A 161 -0.07 -12.49 14.71
C GLU A 161 0.27 -11.50 15.83
N GLY A 162 1.11 -11.86 16.77
CA GLY A 162 1.42 -11.02 17.96
C GLY A 162 2.81 -10.42 17.81
N GLU A 163 3.78 -11.15 18.30
CA GLU A 163 5.16 -10.68 18.46
C GLU A 163 5.69 -10.15 17.14
N CYS A 164 5.50 -10.89 16.07
CA CYS A 164 6.10 -10.53 14.74
C CYS A 164 5.59 -9.17 14.29
N VAL A 165 4.27 -8.97 14.39
CA VAL A 165 3.63 -7.70 14.00
C VAL A 165 4.04 -6.56 14.96
N GLU A 166 4.05 -6.85 16.25
CA GLU A 166 4.34 -5.80 17.27
C GLU A 166 5.79 -5.34 17.18
N TRP A 167 6.72 -6.25 16.92
CA TRP A 167 8.13 -5.82 16.74
C TRP A 167 8.28 -5.10 15.40
N LEU A 168 7.58 -5.53 14.38
CA LEU A 168 7.72 -4.88 13.07
C LEU A 168 7.24 -3.43 13.23
N HIS A 169 6.10 -3.20 13.95
CA HIS A 169 5.60 -1.82 14.20
C HIS A 169 6.68 -1.00 14.94
N ARG A 170 7.22 -1.54 16.03
CA ARG A 170 8.34 -0.87 16.75
C ARG A 170 9.49 -0.53 15.83
N TYR A 171 9.97 -1.48 15.00
CA TYR A 171 11.13 -1.16 14.12
C TYR A 171 10.77 -0.09 13.05
N LEU A 172 9.57 -0.10 12.48
CA LEU A 172 9.13 0.92 11.48
C LEU A 172 9.13 2.32 12.12
N LYS A 173 8.65 2.44 13.37
CA LYS A 173 8.72 3.72 14.07
C LYS A 173 10.17 4.10 14.42
N ASN A 174 10.92 3.26 15.12
CA ASN A 174 12.29 3.62 15.55
C ASN A 174 13.18 3.89 14.31
N GLY A 175 12.97 3.20 13.18
CA GLY A 175 13.77 3.39 11.97
C GLY A 175 13.05 4.14 10.87
N ASN A 176 12.02 4.94 11.19
CA ASN A 176 11.18 5.66 10.19
C ASN A 176 12.09 6.50 9.25
N ALA A 177 13.23 7.04 9.69
CA ALA A 177 14.07 7.90 8.83
C ALA A 177 14.67 7.11 7.66
N THR A 178 14.94 5.82 7.85
CA THR A 178 15.56 4.85 6.91
C THR A 178 14.42 4.16 6.20
N LEU A 179 13.44 3.68 6.98
CA LEU A 179 12.52 2.66 6.42
C LEU A 179 11.34 3.29 5.70
N LEU A 180 10.93 4.51 6.03
CA LEU A 180 9.71 5.12 5.42
C LEU A 180 10.14 6.17 4.41
N ARG A 181 11.44 6.28 4.10
CA ARG A 181 11.94 7.25 3.12
C ARG A 181 11.58 6.76 1.72
N THR A 182 11.62 7.68 0.78
CA THR A 182 11.48 7.39 -0.66
C THR A 182 12.63 8.07 -1.40
N ASP A 183 13.53 7.32 -2.05
CA ASP A 183 14.60 7.92 -2.88
C ASP A 183 14.24 7.57 -4.32
N SER A 184 13.99 8.56 -5.17
CA SER A 184 13.43 8.27 -6.50
C SER A 184 14.56 7.81 -7.41
N PRO A 185 14.32 6.94 -8.41
CA PRO A 185 15.38 6.46 -9.26
C PRO A 185 15.98 7.57 -10.11
N LYS A 186 17.27 7.48 -10.40
CA LYS A 186 18.01 8.22 -11.46
C LYS A 186 18.30 7.23 -12.57
N ALA A 187 17.77 7.48 -13.75
CA ALA A 187 17.74 6.54 -14.89
C ALA A 187 18.57 7.11 -16.05
N HIS A 188 19.19 6.24 -16.82
CA HIS A 188 19.85 6.59 -18.10
C HIS A 188 19.81 5.35 -18.99
N VAL A 189 20.02 5.54 -20.29
CA VAL A 189 20.10 4.46 -21.30
C VAL A 189 21.50 4.44 -21.93
N THR A 190 22.08 3.25 -22.03
CA THR A 190 23.37 3.02 -22.72
C THR A 190 23.09 2.21 -24.00
N HIS A 191 24.01 2.42 -24.96
CA HIS A 191 23.95 2.10 -26.41
C HIS A 191 25.11 1.12 -26.69
N HIS A 192 24.87 -0.13 -27.05
CA HIS A 192 25.96 -1.14 -27.23
C HIS A 192 25.94 -1.78 -28.62
N PRO A 193 26.86 -1.35 -29.54
CA PRO A 193 26.99 -1.96 -30.86
C PRO A 193 27.08 -3.48 -30.72
N ARG A 194 26.29 -4.23 -31.48
CA ARG A 194 26.26 -5.71 -31.36
C ARG A 194 25.81 -6.32 -32.70
N GLU A 198 23.30 -6.17 -34.64
CA GLU A 198 22.16 -5.58 -33.87
C GLU A 198 22.67 -4.39 -33.02
N VAL A 199 21.85 -3.77 -32.17
CA VAL A 199 22.34 -2.92 -31.05
C VAL A 199 21.55 -3.24 -29.77
N THR A 200 22.22 -3.27 -28.60
CA THR A 200 21.62 -3.44 -27.24
C THR A 200 21.34 -2.05 -26.62
N LEU A 201 20.08 -1.77 -26.30
CA LEU A 201 19.69 -0.61 -25.45
C LEU A 201 19.48 -1.09 -24.00
N ARG A 202 20.15 -0.46 -23.04
CA ARG A 202 20.07 -0.85 -21.61
C ARG A 202 19.55 0.32 -20.79
N CYS A 203 18.39 0.15 -20.19
CA CYS A 203 17.83 1.18 -19.31
C CYS A 203 18.22 0.87 -17.86
N TRP A 204 18.85 1.82 -17.21
CA TRP A 204 19.41 1.69 -15.86
C TRP A 204 18.55 2.51 -14.90
N ALA A 205 18.23 1.95 -13.76
CA ALA A 205 17.72 2.74 -12.64
C ALA A 205 18.68 2.62 -11.47
N LEU A 206 19.14 3.74 -10.94
CA LEU A 206 20.14 3.80 -9.88
C LEU A 206 19.56 4.57 -8.69
N GLY A 207 20.04 4.29 -7.47
CA GLY A 207 19.95 5.23 -6.35
C GLY A 207 18.53 5.24 -5.76
N PHE A 208 17.72 4.22 -6.00
CA PHE A 208 16.31 4.24 -5.51
C PHE A 208 16.11 3.42 -4.22
N TYR A 209 15.02 3.78 -3.51
CA TYR A 209 14.59 3.20 -2.23
C TYR A 209 13.11 3.50 -2.06
N PRO A 210 12.20 2.54 -1.77
CA PRO A 210 12.53 1.14 -1.53
C PRO A 210 12.77 0.33 -2.82
N ALA A 211 12.98 -1.00 -2.71
CA ALA A 211 13.52 -1.82 -3.83
C ALA A 211 12.49 -2.04 -4.94
N ASP A 212 11.21 -2.00 -4.59
CA ASP A 212 10.13 -2.32 -5.56
C ASP A 212 10.19 -1.31 -6.72
N ILE A 213 10.24 -1.78 -7.95
CA ILE A 213 10.36 -0.93 -9.17
C ILE A 213 9.77 -1.72 -10.32
N THR A 214 9.36 -1.03 -11.36
CA THR A 214 9.06 -1.65 -12.68
C THR A 214 9.81 -0.88 -13.75
N LEU A 215 10.54 -1.61 -14.57
CA LEU A 215 11.27 -1.16 -15.77
C LEU A 215 10.59 -1.75 -17.01
N THR A 216 10.11 -0.94 -17.92
CA THR A 216 9.54 -1.44 -19.19
C THR A 216 10.16 -0.70 -20.37
N TRP A 217 10.43 -1.48 -21.40
CA TRP A 217 10.64 -1.01 -22.79
C TRP A 217 9.32 -1.03 -23.57
N GLN A 218 9.05 0.03 -24.33
CA GLN A 218 7.89 0.16 -25.23
C GLN A 218 8.37 0.16 -26.68
N ASP A 227 11.82 -11.14 -25.60
CA ASP A 227 11.92 -9.66 -25.75
C ASP A 227 13.12 -9.12 -24.94
N MET A 228 13.03 -9.07 -23.59
CA MET A 228 13.77 -8.17 -22.65
C MET A 228 14.75 -8.94 -21.76
N GLU A 229 16.05 -8.64 -21.78
CA GLU A 229 16.99 -9.11 -20.73
C GLU A 229 16.83 -8.23 -19.47
N LEU A 230 16.92 -8.78 -18.24
CA LEU A 230 17.04 -7.95 -17.01
C LEU A 230 17.85 -8.67 -15.91
N VAL A 231 18.06 -7.98 -14.80
CA VAL A 231 18.60 -8.57 -13.56
C VAL A 231 17.58 -8.32 -12.46
N GLU A 232 17.52 -9.26 -11.49
CA GLU A 232 16.80 -9.08 -10.23
C GLU A 232 17.30 -7.75 -9.66
N THR A 233 16.40 -6.94 -9.17
CA THR A 233 16.74 -5.73 -8.39
C THR A 233 17.78 -6.08 -7.33
N ARG A 234 18.83 -5.26 -7.23
CA ARG A 234 20.01 -5.66 -6.45
C ARG A 234 20.53 -4.49 -5.61
N PRO A 235 21.02 -4.83 -4.38
CA PRO A 235 21.56 -3.82 -3.48
C PRO A 235 22.89 -3.24 -3.96
N ALA A 236 23.03 -1.92 -3.74
CA ALA A 236 24.16 -1.16 -4.34
C ALA A 236 25.22 -0.79 -3.32
N GLY A 237 25.09 -1.26 -2.09
CA GLY A 237 26.23 -1.17 -1.15
C GLY A 237 26.03 -0.06 -0.10
N ASP A 238 25.11 0.87 -0.29
CA ASP A 238 24.86 2.04 0.64
C ASP A 238 23.36 2.08 1.04
N GLY A 239 22.62 0.99 0.87
CA GLY A 239 21.20 0.84 1.24
C GLY A 239 20.21 1.22 0.19
N THR A 240 20.65 1.58 -1.00
CA THR A 240 19.77 1.83 -2.15
C THR A 240 19.87 0.62 -3.09
N PHE A 241 19.12 0.62 -4.15
CA PHE A 241 18.93 -0.50 -5.10
C PHE A 241 19.24 -0.02 -6.49
N GLN A 242 19.50 -0.99 -7.38
CA GLN A 242 19.61 -0.68 -8.81
C GLN A 242 19.03 -1.86 -9.60
N LYS A 243 18.72 -1.55 -10.85
CA LYS A 243 18.14 -2.51 -11.79
C LYS A 243 18.46 -2.05 -13.21
N TRP A 244 18.64 -2.99 -14.12
CA TRP A 244 18.65 -2.68 -15.57
C TRP A 244 17.72 -3.64 -16.30
N ALA A 245 17.20 -3.15 -17.42
CA ALA A 245 16.49 -3.95 -18.43
C ALA A 245 17.04 -3.56 -19.81
N SER A 246 17.27 -4.55 -20.64
CA SER A 246 17.86 -4.33 -21.98
C SER A 246 16.94 -4.93 -23.05
N VAL A 247 17.04 -4.35 -24.25
CA VAL A 247 16.47 -4.88 -25.53
C VAL A 247 17.52 -4.76 -26.63
N VAL A 248 17.48 -5.72 -27.55
CA VAL A 248 18.20 -5.65 -28.86
C VAL A 248 17.23 -5.03 -29.89
N VAL A 249 17.65 -3.93 -30.51
CA VAL A 249 16.83 -3.13 -31.47
C VAL A 249 17.53 -3.11 -32.83
N PRO A 250 16.75 -2.86 -33.93
CA PRO A 250 17.32 -2.57 -35.25
C PRO A 250 18.25 -1.35 -35.34
N LEU A 251 19.33 -1.60 -36.08
CA LEU A 251 20.70 -1.05 -36.01
C LEU A 251 20.75 0.46 -36.28
N GLY A 252 19.61 1.15 -36.48
CA GLY A 252 19.58 2.60 -36.72
C GLY A 252 18.25 3.27 -36.39
N LYS A 253 17.29 2.55 -35.81
CA LYS A 253 15.89 3.04 -35.60
C LYS A 253 15.52 2.88 -34.12
N GLU A 254 16.42 3.30 -33.23
CA GLU A 254 16.31 3.05 -31.77
C GLU A 254 15.61 4.23 -31.08
N GLN A 255 15.29 5.30 -31.82
CA GLN A 255 14.55 6.45 -31.23
C GLN A 255 13.05 6.12 -31.16
N ASN A 256 12.61 5.00 -31.74
CA ASN A 256 11.21 4.53 -31.62
C ASN A 256 10.99 3.89 -30.23
N TYR A 257 12.07 3.61 -29.50
CA TYR A 257 12.04 2.84 -28.23
C TYR A 257 12.12 3.76 -27.02
N THR A 258 11.35 3.40 -25.99
CA THR A 258 11.10 4.29 -24.83
C THR A 258 11.16 3.40 -23.58
N CYS A 259 12.01 3.80 -22.63
CA CYS A 259 12.14 3.13 -21.33
C CYS A 259 11.26 3.86 -20.32
N ARG A 260 10.45 3.10 -19.58
CA ARG A 260 9.50 3.63 -18.57
C ARG A 260 9.94 3.14 -17.18
N VAL A 261 9.96 4.03 -16.18
CA VAL A 261 10.23 3.54 -14.79
C VAL A 261 9.15 4.02 -13.80
N TYR A 262 8.58 3.05 -13.10
CA TYR A 262 7.57 3.22 -12.04
C TYR A 262 8.19 2.92 -10.70
N HIS A 263 7.98 3.84 -9.76
CA HIS A 263 8.45 3.75 -8.39
C HIS A 263 7.61 4.62 -7.45
N GLU A 264 7.54 4.22 -6.18
CA GLU A 264 6.89 4.98 -5.09
C GLU A 264 7.42 6.43 -5.09
N GLY A 265 8.65 6.74 -5.51
CA GLY A 265 9.12 8.15 -5.44
C GLY A 265 8.89 8.92 -6.74
N LEU A 266 8.25 8.33 -7.75
CA LEU A 266 7.90 9.05 -9.01
C LEU A 266 6.37 9.14 -9.13
N PRO A 267 5.72 10.21 -8.56
CA PRO A 267 4.28 10.50 -8.80
C PRO A 267 3.99 10.44 -10.31
N GLU A 268 4.90 10.97 -11.15
CA GLU A 268 4.90 10.73 -12.62
C GLU A 268 6.04 9.78 -13.01
N PRO A 269 5.76 8.62 -13.63
CA PRO A 269 6.78 7.68 -14.09
C PRO A 269 7.77 8.37 -15.02
N LEU A 270 9.02 7.92 -15.11
CA LEU A 270 10.03 8.47 -16.06
C LEU A 270 9.80 7.82 -17.41
N THR A 271 10.04 8.57 -18.47
CA THR A 271 10.12 8.13 -19.88
C THR A 271 11.47 8.59 -20.45
N LEU A 272 12.28 7.71 -21.03
CA LEU A 272 13.57 8.17 -21.62
C LEU A 272 13.91 7.31 -22.83
N ARG A 273 14.81 7.77 -23.74
CA ARG A 273 15.20 7.00 -24.97
C ARG A 273 16.64 7.23 -25.48
N HIS B 1 12.49 -9.23 16.03
CA HIS B 1 12.65 -10.21 17.11
C HIS B 1 12.39 -11.60 16.52
N PRO B 2 13.36 -12.53 16.63
CA PRO B 2 13.23 -13.85 16.02
C PRO B 2 12.17 -14.67 16.72
N GLY B 3 11.84 -15.75 16.03
CA GLY B 3 10.97 -16.79 16.59
C GLY B 3 11.67 -17.45 17.76
N SER B 4 10.92 -17.94 18.74
CA SER B 4 11.52 -18.67 19.87
C SER B 4 12.02 -20.04 19.42
N VAL B 5 12.79 -20.72 20.24
CA VAL B 5 13.41 -22.03 19.92
C VAL B 5 12.27 -22.94 19.44
N ASN B 6 12.45 -23.68 18.36
CA ASN B 6 11.37 -24.54 17.82
C ASN B 6 10.99 -25.59 18.89
N GLU B 7 9.70 -25.68 19.20
CA GLU B 7 9.16 -26.56 20.28
C GLU B 7 9.31 -28.03 19.87
N PHE B 8 9.14 -28.36 18.57
CA PHE B 8 9.05 -29.79 18.18
C PHE B 8 10.11 -30.14 17.15
N ASP B 9 10.61 -31.39 17.20
CA ASP B 9 11.56 -31.93 16.21
C ASP B 9 10.81 -32.61 15.06
N PHE B 10 11.51 -32.92 13.96
CA PHE B 10 10.82 -33.43 12.78
C PHE B 10 10.30 -34.86 13.04
N GLY B 11 11.08 -35.72 13.68
CA GLY B 11 10.54 -37.02 14.02
C GLY B 11 10.14 -37.85 12.79
N CYS B 12 10.88 -37.77 11.68
CA CYS B 12 10.40 -38.38 10.40
C CYS B 12 10.87 -39.83 10.22
N GLY B 13 10.99 -40.63 11.27
CA GLY B 13 11.47 -42.00 11.07
C GLY B 13 10.37 -42.90 10.53
N GLY B 14 9.17 -42.75 11.05
CA GLY B 14 8.02 -43.64 10.77
C GLY B 14 8.18 -45.03 11.35
N SER B 15 7.29 -45.96 11.02
CA SER B 15 7.41 -47.36 11.47
C SER B 15 7.84 -48.22 10.28
N GLY C 1 0.39 6.06 -0.43
CA GLY C 1 -0.67 5.06 -0.66
C GLY C 1 -1.09 5.04 -2.13
N PRO C 2 -2.19 4.32 -2.43
CA PRO C 2 -2.74 4.27 -3.79
C PRO C 2 -3.41 5.64 -3.95
N HIS C 3 -3.70 6.01 -5.18
CA HIS C 3 -4.41 7.28 -5.48
C HIS C 3 -5.49 7.02 -6.51
N SER C 4 -6.40 7.97 -6.61
CA SER C 4 -7.57 7.87 -7.50
C SER C 4 -7.76 9.23 -8.19
N MET C 5 -8.16 9.22 -9.46
CA MET C 5 -8.87 10.37 -10.07
C MET C 5 -10.32 9.95 -10.34
N ARG C 6 -11.29 10.79 -9.99
CA ARG C 6 -12.69 10.51 -10.34
C ARG C 6 -13.43 11.78 -10.72
N TYR C 7 -14.27 11.68 -11.75
CA TYR C 7 -15.23 12.73 -12.08
C TYR C 7 -16.60 12.27 -11.64
N PHE C 8 -17.35 13.21 -11.11
CA PHE C 8 -18.74 13.07 -10.66
C PHE C 8 -19.58 14.05 -11.46
N GLU C 9 -20.39 13.56 -12.36
CA GLU C 9 -21.13 14.42 -13.33
C GLU C 9 -22.60 14.16 -13.03
N THR C 10 -23.38 15.22 -13.04
CA THR C 10 -24.81 15.13 -12.71
C THR C 10 -25.62 16.12 -13.53
N ALA C 11 -26.81 15.69 -13.92
CA ALA C 11 -27.83 16.59 -14.49
C ALA C 11 -29.12 16.36 -13.70
N VAL C 12 -29.75 17.50 -13.36
CA VAL C 12 -30.97 17.56 -12.55
C VAL C 12 -32.03 18.34 -13.31
N SER C 13 -33.17 17.73 -13.63
CA SER C 13 -34.19 18.44 -14.43
C SER C 13 -34.99 19.37 -13.50
N ARG C 14 -35.59 20.40 -14.09
CA ARG C 14 -36.50 21.29 -13.33
C ARG C 14 -37.60 21.78 -14.28
N PRO C 15 -38.51 20.89 -14.73
CA PRO C 15 -39.48 21.26 -15.77
C PRO C 15 -40.28 22.49 -15.30
N GLY C 16 -40.38 22.73 -13.97
CA GLY C 16 -40.52 24.08 -13.40
C GLY C 16 -39.70 25.11 -14.18
N LEU C 17 -38.40 25.20 -13.91
CA LEU C 17 -37.53 26.34 -14.28
C LEU C 17 -36.49 25.95 -15.36
N GLY C 18 -36.90 25.58 -16.58
CA GLY C 18 -36.05 25.50 -17.79
C GLY C 18 -35.15 24.25 -17.87
N GLU C 19 -34.09 24.32 -18.66
CA GLU C 19 -33.24 23.14 -19.02
C GLU C 19 -32.58 22.57 -17.76
N PRO C 20 -32.20 21.27 -17.76
CA PRO C 20 -31.56 20.69 -16.57
C PRO C 20 -30.31 21.44 -16.13
N ARG C 21 -30.02 21.38 -14.86
CA ARG C 21 -28.73 21.87 -14.37
C ARG C 21 -27.70 20.72 -14.51
N TYR C 22 -26.56 21.02 -15.14
CA TYR C 22 -25.43 20.09 -15.32
C TYR C 22 -24.21 20.60 -14.54
N ILE C 23 -23.69 19.71 -13.70
CA ILE C 23 -22.53 19.98 -12.82
C ILE C 23 -21.55 18.82 -12.99
N SER C 24 -20.29 19.13 -13.23
CA SER C 24 -19.19 18.13 -13.29
C SER C 24 -18.14 18.52 -12.25
N VAL C 25 -17.73 17.59 -11.38
CA VAL C 25 -16.72 17.82 -10.33
C VAL C 25 -15.65 16.75 -10.46
N GLY C 26 -14.40 17.17 -10.52
CA GLY C 26 -13.32 16.22 -10.59
C GLY C 26 -12.61 16.20 -9.25
N TYR C 27 -12.11 15.01 -8.86
CA TYR C 27 -11.36 14.80 -7.60
C TYR C 27 -10.11 13.96 -7.85
N VAL C 28 -9.04 14.33 -7.13
CA VAL C 28 -7.88 13.44 -6.88
C VAL C 28 -7.93 13.06 -5.38
N ASP C 29 -8.04 11.76 -5.09
CA ASP C 29 -8.33 11.31 -3.72
C ASP C 29 -9.62 11.98 -3.27
N ASN C 30 -9.68 12.56 -2.09
CA ASN C 30 -10.93 13.24 -1.64
C ASN C 30 -10.88 14.74 -1.95
N LYS C 31 -9.95 15.20 -2.79
CA LYS C 31 -9.68 16.66 -3.02
C LYS C 31 -10.35 17.13 -4.31
N GLU C 32 -11.40 17.97 -4.21
CA GLU C 32 -12.02 18.51 -5.43
C GLU C 32 -10.97 19.38 -6.13
N PHE C 33 -10.81 19.34 -7.46
CA PHE C 33 -9.77 20.12 -8.18
C PHE C 33 -10.31 20.92 -9.35
N VAL C 34 -11.49 20.62 -9.85
CA VAL C 34 -12.13 21.36 -10.96
C VAL C 34 -13.63 21.20 -10.85
N ARG C 35 -14.38 22.17 -11.36
CA ARG C 35 -15.84 22.11 -11.33
C ARG C 35 -16.38 22.92 -12.48
N PHE C 36 -17.43 22.40 -13.11
CA PHE C 36 -18.23 23.07 -14.14
C PHE C 36 -19.65 23.11 -13.62
N ASP C 37 -20.33 24.26 -13.79
CA ASP C 37 -21.73 24.42 -13.34
C ASP C 37 -22.49 25.21 -14.42
N SER C 38 -23.50 24.62 -15.02
CA SER C 38 -24.26 25.21 -16.17
C SER C 38 -25.02 26.46 -15.71
N ASP C 39 -25.25 26.65 -14.42
CA ASP C 39 -26.04 27.81 -13.88
C ASP C 39 -25.10 29.03 -13.69
N ALA C 40 -23.77 28.91 -13.88
CA ALA C 40 -22.84 30.05 -13.70
C ALA C 40 -23.10 31.07 -14.81
N GLU C 41 -22.85 32.36 -14.53
CA GLU C 41 -23.05 33.46 -15.51
C GLU C 41 -22.21 33.14 -16.77
N ASN C 42 -20.95 32.77 -16.62
CA ASN C 42 -20.14 32.27 -17.74
C ASN C 42 -19.76 30.81 -17.51
N PRO C 43 -20.58 29.80 -17.90
CA PRO C 43 -20.32 28.41 -17.51
C PRO C 43 -18.94 27.99 -18.06
N ARG C 44 -18.01 27.64 -17.20
CA ARG C 44 -16.74 26.98 -17.59
C ARG C 44 -16.14 26.14 -16.46
N TYR C 45 -15.22 25.25 -16.83
CA TYR C 45 -14.45 24.55 -15.78
C TYR C 45 -13.61 25.59 -15.05
N GLU C 46 -13.58 25.54 -13.72
CA GLU C 46 -12.71 26.39 -12.87
C GLU C 46 -11.85 25.57 -11.94
N PRO C 47 -10.58 25.99 -11.67
CA PRO C 47 -9.70 25.32 -10.74
C PRO C 47 -10.28 25.47 -9.33
N GLN C 48 -10.25 24.42 -8.52
CA GLN C 48 -10.63 24.40 -7.10
C GLN C 48 -9.43 24.02 -6.26
N ALA C 49 -8.27 23.72 -6.85
CA ALA C 49 -7.06 23.44 -6.04
C ALA C 49 -5.97 24.37 -6.52
N PRO C 50 -5.04 24.86 -5.69
CA PRO C 50 -4.02 25.80 -6.18
C PRO C 50 -3.09 25.19 -7.23
N TRP C 51 -2.79 23.89 -7.17
CA TRP C 51 -1.86 23.24 -8.12
C TRP C 51 -2.47 23.17 -9.52
N MET C 52 -3.74 23.51 -9.70
CA MET C 52 -4.31 23.55 -11.05
C MET C 52 -4.06 24.92 -11.71
N GLU C 53 -3.46 25.86 -11.02
CA GLU C 53 -3.07 27.16 -11.66
C GLU C 53 -1.98 26.91 -12.71
N GLN C 54 -1.17 25.88 -12.54
CA GLN C 54 -0.10 25.51 -13.51
C GLN C 54 -0.69 25.22 -14.91
N GLU C 55 -1.98 24.91 -15.07
CA GLU C 55 -2.52 24.59 -16.43
C GLU C 55 -2.71 25.92 -17.16
N GLY C 56 -2.47 25.92 -18.48
CA GLY C 56 -2.59 27.10 -19.34
C GLY C 56 -4.03 27.33 -19.83
N PRO C 57 -4.29 28.50 -20.45
CA PRO C 57 -5.63 28.81 -20.96
C PRO C 57 -6.21 27.80 -21.97
N GLU C 58 -5.37 27.16 -22.80
CA GLU C 58 -5.83 26.15 -23.79
C GLU C 58 -6.48 24.95 -23.07
N TYR C 59 -5.91 24.46 -21.96
CA TYR C 59 -6.47 23.35 -21.16
C TYR C 59 -7.89 23.72 -20.73
N TRP C 60 -8.05 24.91 -20.14
CA TRP C 60 -9.38 25.39 -19.66
C TRP C 60 -10.39 25.51 -20.81
N GLU C 61 -10.00 26.08 -21.95
CA GLU C 61 -10.98 26.18 -23.03
C GLU C 61 -11.35 24.76 -23.55
N ARG C 62 -10.39 23.87 -23.69
CA ARG C 62 -10.68 22.56 -24.29
C ARG C 62 -11.64 21.80 -23.36
N ILE C 63 -11.38 21.84 -22.05
CA ILE C 63 -12.20 20.93 -21.17
C ILE C 63 -13.59 21.54 -21.04
N THR C 64 -13.71 22.86 -21.15
CA THR C 64 -15.02 23.58 -21.22
C THR C 64 -15.82 23.21 -22.45
N GLN C 65 -15.15 23.07 -23.61
CA GLN C 65 -15.87 22.62 -24.83
C GLN C 65 -16.42 21.18 -24.59
N ILE C 66 -15.69 20.29 -23.95
CA ILE C 66 -16.24 18.94 -23.64
C ILE C 66 -17.51 19.10 -22.79
N ALA C 67 -17.50 19.95 -21.76
CA ALA C 67 -18.65 20.16 -20.86
C ALA C 67 -19.87 20.62 -21.67
N LYS C 68 -19.69 21.46 -22.70
CA LYS C 68 -20.90 21.93 -23.44
C LYS C 68 -21.48 20.75 -24.25
N GLY C 69 -20.60 19.91 -24.79
CA GLY C 69 -21.04 18.70 -25.49
C GLY C 69 -21.69 17.71 -24.49
N GLN C 70 -21.10 17.57 -23.31
CA GLN C 70 -21.58 16.56 -22.32
C GLN C 70 -22.96 16.97 -21.82
N GLU C 71 -23.16 18.26 -21.59
CA GLU C 71 -24.45 18.79 -21.12
C GLU C 71 -25.55 18.31 -22.07
N GLN C 72 -25.30 18.33 -23.40
CA GLN C 72 -26.30 17.88 -24.41
C GLN C 72 -26.59 16.38 -24.27
N TRP C 73 -25.55 15.58 -24.10
CA TRP C 73 -25.72 14.11 -23.90
C TRP C 73 -26.56 13.89 -22.62
N PHE C 74 -26.35 14.66 -21.55
CA PHE C 74 -27.16 14.47 -20.32
C PHE C 74 -28.59 14.88 -20.65
N ARG C 75 -28.77 15.94 -21.45
CA ARG C 75 -30.19 16.36 -21.67
C ARG C 75 -30.97 15.31 -22.45
N VAL C 76 -30.35 14.76 -23.49
CA VAL C 76 -30.97 13.70 -24.33
C VAL C 76 -31.27 12.46 -23.48
N ASN C 77 -30.35 12.08 -22.60
CA ASN C 77 -30.45 10.77 -21.89
C ASN C 77 -31.45 10.90 -20.72
N LEU C 78 -31.54 12.08 -20.11
CA LEU C 78 -32.65 12.35 -19.18
C LEU C 78 -33.99 12.21 -19.89
N ARG C 79 -34.13 12.86 -21.04
CA ARG C 79 -35.38 12.79 -21.84
C ARG C 79 -35.67 11.32 -22.24
N THR C 80 -34.69 10.57 -22.70
CA THR C 80 -34.86 9.11 -22.99
C THR C 80 -35.34 8.32 -21.77
N LEU C 81 -34.74 8.51 -20.60
CA LEU C 81 -35.19 7.74 -19.40
C LEU C 81 -36.63 8.04 -19.06
N LEU C 82 -37.09 9.28 -19.27
CA LEU C 82 -38.51 9.63 -18.93
C LEU C 82 -39.44 8.72 -19.74
N GLY C 83 -39.17 8.61 -21.06
CA GLY C 83 -39.82 7.70 -22.03
C GLY C 83 -39.72 6.22 -21.59
N CYS C 84 -38.51 5.71 -21.27
CA CYS C 84 -38.24 4.30 -20.85
C CYS C 84 -39.21 3.91 -19.74
N TYR C 85 -39.36 4.78 -18.74
CA TYR C 85 -40.12 4.44 -17.50
C TYR C 85 -41.55 4.98 -17.61
N ASN C 86 -41.95 5.57 -18.75
CA ASN C 86 -43.33 6.14 -18.92
C ASN C 86 -43.68 7.14 -17.82
N GLN C 87 -42.77 8.03 -17.46
CA GLN C 87 -43.02 9.05 -16.40
C GLN C 87 -43.49 10.36 -17.07
N SER C 88 -44.28 11.18 -16.40
CA SER C 88 -44.73 12.50 -16.95
C SER C 88 -43.60 13.52 -16.81
N ALA C 89 -43.42 14.41 -17.79
CA ALA C 89 -42.58 15.61 -17.61
C ALA C 89 -43.21 16.32 -16.41
N GLY C 90 -42.49 17.16 -15.66
CA GLY C 90 -43.08 17.76 -14.44
C GLY C 90 -42.51 17.24 -13.14
N GLY C 91 -41.92 16.04 -13.06
CA GLY C 91 -41.14 15.62 -11.87
C GLY C 91 -39.70 16.16 -11.96
N THR C 92 -38.96 16.16 -10.85
CA THR C 92 -37.48 16.30 -10.85
C THR C 92 -36.89 14.89 -10.98
N HIS C 93 -35.92 14.74 -11.87
CA HIS C 93 -35.14 13.52 -12.12
C HIS C 93 -33.68 13.93 -12.22
N THR C 94 -32.83 12.98 -11.89
CA THR C 94 -31.34 13.07 -11.90
C THR C 94 -30.77 11.93 -12.74
N LEU C 95 -29.70 12.25 -13.43
CA LEU C 95 -28.82 11.29 -14.09
C LEU C 95 -27.43 11.57 -13.57
N GLN C 96 -26.79 10.55 -12.98
CA GLN C 96 -25.45 10.68 -12.44
C GLN C 96 -24.49 9.75 -13.18
N TRP C 97 -23.25 10.19 -13.23
CA TRP C 97 -22.18 9.42 -13.89
C TRP C 97 -20.95 9.61 -13.02
N MET C 98 -20.30 8.51 -12.68
CA MET C 98 -19.06 8.50 -11.93
C MET C 98 -18.08 7.64 -12.71
N TYR C 99 -16.85 8.12 -12.87
CA TYR C 99 -15.85 7.36 -13.62
C TYR C 99 -14.45 7.81 -13.20
N GLY C 100 -13.47 6.97 -13.49
CA GLY C 100 -12.05 7.35 -13.28
C GLY C 100 -11.21 6.09 -13.02
N CYS C 101 -10.06 6.27 -12.40
CA CYS C 101 -8.99 5.24 -12.31
C CYS C 101 -8.35 5.30 -10.93
N ASP C 102 -7.94 4.14 -10.44
CA ASP C 102 -7.16 3.94 -9.20
C ASP C 102 -5.79 3.43 -9.65
N VAL C 103 -4.72 4.07 -9.19
CA VAL C 103 -3.33 3.58 -9.40
C VAL C 103 -2.72 3.19 -8.04
N GLY C 104 -1.71 2.28 -8.09
CA GLY C 104 -0.93 1.91 -6.89
C GLY C 104 0.06 3.00 -6.46
N SER C 105 0.78 2.75 -5.38
CA SER C 105 1.93 3.56 -4.90
C SER C 105 2.93 3.84 -6.01
N ASP C 106 3.04 3.00 -7.06
CA ASP C 106 4.03 3.12 -8.15
C ASP C 106 3.40 3.77 -9.39
N GLY C 107 2.15 4.20 -9.32
CA GLY C 107 1.48 4.83 -10.48
C GLY C 107 0.83 3.88 -11.47
N ARG C 108 0.87 2.55 -11.23
CA ARG C 108 0.38 1.61 -12.28
C ARG C 108 -1.14 1.45 -12.08
N LEU C 109 -1.89 1.33 -13.16
CA LEU C 109 -3.37 1.21 -13.11
C LEU C 109 -3.77 0.00 -12.27
N LEU C 110 -4.63 0.16 -11.28
CA LEU C 110 -5.24 -0.94 -10.47
C LEU C 110 -6.66 -1.25 -10.99
N ARG C 111 -7.48 -0.23 -11.20
CA ARG C 111 -8.92 -0.43 -11.53
C ARG C 111 -9.48 0.82 -12.22
N GLY C 112 -10.37 0.60 -13.17
CA GLY C 112 -11.12 1.66 -13.83
C GLY C 112 -12.59 1.55 -13.55
N TYR C 113 -13.31 2.65 -13.65
CA TYR C 113 -14.75 2.64 -13.26
C TYR C 113 -15.55 3.42 -14.28
N GLU C 114 -16.76 2.96 -14.60
CA GLU C 114 -17.73 3.75 -15.42
C GLU C 114 -19.11 3.37 -14.92
N GLN C 115 -19.79 4.26 -14.17
CA GLN C 115 -21.02 3.83 -13.47
C GLN C 115 -22.03 4.94 -13.82
N PHE C 116 -23.28 4.56 -13.94
CA PHE C 116 -24.41 5.45 -14.20
C PHE C 116 -25.56 5.10 -13.28
N ALA C 117 -26.25 6.16 -12.88
CA ALA C 117 -27.46 6.06 -12.01
C ALA C 117 -28.56 7.00 -12.50
N TYR C 118 -29.80 6.55 -12.32
CA TYR C 118 -31.00 7.34 -12.59
C TYR C 118 -31.83 7.49 -11.30
N ASP C 119 -32.22 8.71 -10.97
CA ASP C 119 -33.06 8.95 -9.75
C ASP C 119 -32.42 8.32 -8.50
N GLY C 120 -31.09 8.35 -8.41
CA GLY C 120 -30.30 7.88 -7.26
C GLY C 120 -30.25 6.36 -7.11
N SER C 121 -30.62 5.58 -8.17
CA SER C 121 -30.45 4.11 -8.15
C SER C 121 -29.56 3.71 -9.32
N ASP C 122 -28.80 2.67 -9.13
CA ASP C 122 -27.94 2.07 -10.15
C ASP C 122 -28.76 1.91 -11.44
N TYR C 123 -28.11 2.15 -12.54
CA TYR C 123 -28.62 1.96 -13.91
C TYR C 123 -27.69 0.96 -14.61
N ILE C 124 -26.47 1.36 -14.94
CA ILE C 124 -25.54 0.43 -15.60
C ILE C 124 -24.13 0.74 -15.14
N ALA C 125 -23.28 -0.28 -15.06
CA ALA C 125 -21.87 -0.07 -14.62
C ALA C 125 -20.94 -1.01 -15.39
N LEU C 126 -19.76 -0.50 -15.72
CA LEU C 126 -18.70 -1.31 -16.34
C LEU C 126 -18.05 -2.23 -15.30
N ASN C 127 -17.93 -3.51 -15.64
CA ASN C 127 -17.27 -4.48 -14.72
C ASN C 127 -15.76 -4.20 -14.66
N GLU C 128 -15.09 -4.77 -13.68
CA GLU C 128 -13.63 -4.59 -13.45
C GLU C 128 -12.82 -5.11 -14.64
N ASP C 129 -13.37 -5.97 -15.50
CA ASP C 129 -12.68 -6.48 -16.72
C ASP C 129 -12.55 -5.37 -17.76
N LEU C 130 -13.32 -4.28 -17.60
CA LEU C 130 -13.35 -3.16 -18.60
C LEU C 130 -13.84 -3.69 -19.95
N LYS C 131 -14.68 -4.73 -19.94
CA LYS C 131 -15.21 -5.32 -21.18
C LYS C 131 -16.71 -5.53 -21.11
N THR C 132 -17.27 -5.92 -19.99
CA THR C 132 -18.71 -6.30 -19.91
C THR C 132 -19.46 -5.38 -18.91
N TRP C 133 -20.78 -5.38 -18.94
CA TRP C 133 -21.61 -4.43 -18.14
C TRP C 133 -22.51 -5.16 -17.18
N THR C 134 -22.75 -4.54 -16.04
CA THR C 134 -23.84 -4.98 -15.09
C THR C 134 -25.00 -4.00 -15.24
N ALA C 135 -26.20 -4.51 -15.54
CA ALA C 135 -27.48 -3.75 -15.71
C ALA C 135 -28.36 -3.97 -14.51
N ALA C 136 -28.88 -2.87 -13.92
CA ALA C 136 -29.59 -2.90 -12.62
C ALA C 136 -31.04 -3.38 -12.83
N ASP C 137 -31.66 -3.05 -13.97
CA ASP C 137 -33.12 -3.19 -14.19
C ASP C 137 -33.42 -3.52 -15.69
N MET C 138 -34.70 -3.56 -16.03
CA MET C 138 -35.17 -4.02 -17.38
C MET C 138 -34.64 -3.03 -18.45
N ALA C 139 -34.75 -1.74 -18.14
CA ALA C 139 -34.29 -0.63 -19.03
C ALA C 139 -32.83 -0.81 -19.31
N ALA C 140 -31.99 -0.95 -18.28
CA ALA C 140 -30.53 -0.98 -18.46
C ALA C 140 -30.15 -2.24 -19.19
N GLN C 141 -31.00 -3.27 -19.18
CA GLN C 141 -30.60 -4.46 -19.98
C GLN C 141 -30.67 -4.20 -21.48
N ILE C 142 -31.60 -3.37 -21.91
CA ILE C 142 -31.64 -2.91 -23.33
C ILE C 142 -30.36 -2.17 -23.58
N THR C 143 -29.97 -1.30 -22.65
CA THR C 143 -28.76 -0.48 -22.81
C THR C 143 -27.52 -1.37 -22.86
N ARG C 144 -27.47 -2.39 -22.06
CA ARG C 144 -26.34 -3.31 -22.10
C ARG C 144 -26.21 -3.98 -23.49
N ARG C 145 -27.32 -4.46 -24.02
CA ARG C 145 -27.28 -5.20 -25.33
C ARG C 145 -26.79 -4.21 -26.40
N LYS C 146 -27.31 -3.00 -26.39
CA LYS C 146 -26.91 -2.00 -27.40
C LYS C 146 -25.45 -1.61 -27.23
N TRP C 147 -24.98 -1.37 -25.98
CA TRP C 147 -23.58 -0.94 -25.77
C TRP C 147 -22.59 -2.07 -26.04
N GLU C 148 -22.99 -3.30 -25.73
CA GLU C 148 -22.15 -4.48 -26.09
C GLU C 148 -21.95 -4.50 -27.62
N GLN C 149 -23.01 -4.36 -28.42
CA GLN C 149 -22.88 -4.38 -29.91
C GLN C 149 -22.12 -3.14 -30.42
N ALA C 150 -22.28 -1.97 -29.83
CA ALA C 150 -21.57 -0.76 -30.29
C ALA C 150 -20.10 -0.77 -29.87
N GLY C 151 -19.63 -1.63 -28.98
CA GLY C 151 -18.27 -1.51 -28.40
C GLY C 151 -18.05 -0.30 -27.50
N ALA C 152 -19.08 0.12 -26.74
CA ALA C 152 -18.93 1.18 -25.71
C ALA C 152 -17.78 0.88 -24.75
N ALA C 153 -17.72 -0.33 -24.17
CA ALA C 153 -16.63 -0.64 -23.22
C ALA C 153 -15.24 -0.32 -23.81
N GLU C 154 -14.99 -0.59 -25.10
CA GLU C 154 -13.61 -0.44 -25.63
C GLU C 154 -13.31 1.06 -25.68
N TYR C 155 -14.30 1.90 -25.94
CA TYR C 155 -14.08 3.37 -25.99
C TYR C 155 -13.70 3.83 -24.56
N TYR C 156 -14.42 3.39 -23.54
CA TYR C 156 -14.11 3.87 -22.19
C TYR C 156 -12.81 3.26 -21.66
N ARG C 157 -12.54 2.02 -22.03
CA ARG C 157 -11.28 1.38 -21.64
C ARG C 157 -10.10 2.21 -22.14
N ALA C 158 -10.14 2.80 -23.33
CA ALA C 158 -9.04 3.62 -23.88
C ALA C 158 -8.83 4.87 -23.01
N TYR C 159 -9.91 5.48 -22.49
CA TYR C 159 -9.78 6.69 -21.65
C TYR C 159 -9.15 6.24 -20.33
N LEU C 160 -9.68 5.16 -19.78
CA LEU C 160 -9.34 4.78 -18.39
C LEU C 160 -7.86 4.33 -18.31
N GLU C 161 -7.38 3.57 -19.30
CA GLU C 161 -6.00 3.06 -19.28
C GLU C 161 -5.02 4.14 -19.75
N GLY C 162 -5.45 5.11 -20.56
CA GLY C 162 -4.56 6.11 -21.15
C GLY C 162 -4.60 7.45 -20.42
N GLU C 163 -5.48 8.31 -20.89
CA GLU C 163 -5.64 9.73 -20.51
C GLU C 163 -5.88 9.83 -18.99
N CYS C 164 -6.75 8.98 -18.43
CA CYS C 164 -7.11 9.04 -17.00
C CYS C 164 -5.87 8.86 -16.15
N VAL C 165 -5.06 7.83 -16.45
CA VAL C 165 -3.82 7.48 -15.71
C VAL C 165 -2.76 8.56 -15.92
N GLU C 166 -2.56 9.03 -17.13
CA GLU C 166 -1.53 10.07 -17.40
C GLU C 166 -1.86 11.40 -16.73
N TRP C 167 -3.13 11.80 -16.67
CA TRP C 167 -3.46 13.12 -16.07
C TRP C 167 -3.35 12.97 -14.56
N LEU C 168 -3.81 11.84 -13.97
CA LEU C 168 -3.62 11.61 -12.49
C LEU C 168 -2.15 11.82 -12.14
N HIS C 169 -1.27 11.22 -12.91
CA HIS C 169 0.20 11.28 -12.69
C HIS C 169 0.62 12.75 -12.63
N ARG C 170 0.16 13.55 -13.60
CA ARG C 170 0.53 14.99 -13.69
C ARG C 170 -0.01 15.71 -12.47
N TYR C 171 -1.22 15.35 -12.01
CA TYR C 171 -1.82 16.07 -10.88
C TYR C 171 -1.13 15.65 -9.58
N LEU C 172 -0.75 14.38 -9.46
CA LEU C 172 -0.02 13.94 -8.24
C LEU C 172 1.35 14.65 -8.18
N LYS C 173 1.98 14.85 -9.32
CA LYS C 173 3.29 15.56 -9.38
C LYS C 173 3.09 17.04 -9.04
N ASN C 174 2.19 17.75 -9.73
CA ASN C 174 1.99 19.19 -9.48
C ASN C 174 1.41 19.42 -8.08
N GLY C 175 0.56 18.58 -7.52
CA GLY C 175 -0.01 18.80 -6.17
C GLY C 175 0.66 18.00 -5.07
N ASN C 176 1.91 17.59 -5.26
CA ASN C 176 2.63 16.64 -4.36
C ASN C 176 2.67 17.13 -2.91
N ALA C 177 2.83 18.44 -2.67
CA ALA C 177 2.91 19.03 -1.31
C ALA C 177 1.64 18.72 -0.52
N THR C 178 0.48 18.66 -1.16
CA THR C 178 -0.77 18.36 -0.41
C THR C 178 -1.19 16.91 -0.69
N LEU C 179 -1.08 16.39 -1.90
CA LEU C 179 -1.70 15.07 -2.17
C LEU C 179 -0.82 13.98 -1.55
N LEU C 180 0.50 14.19 -1.47
CA LEU C 180 1.42 13.09 -1.06
C LEU C 180 1.71 13.17 0.43
N ARG C 181 1.22 14.16 1.14
CA ARG C 181 1.45 14.24 2.61
C ARG C 181 0.64 13.13 3.36
N THR C 182 1.04 12.85 4.58
CA THR C 182 0.26 12.14 5.60
C THR C 182 0.34 13.01 6.85
N ASP C 183 -0.80 13.26 7.49
CA ASP C 183 -0.92 13.86 8.84
C ASP C 183 -1.42 12.74 9.79
N SER C 184 -0.61 12.31 10.75
CA SER C 184 -0.96 11.29 11.76
C SER C 184 -2.14 11.76 12.59
N PRO C 185 -3.06 10.86 12.93
CA PRO C 185 -4.09 11.20 13.91
C PRO C 185 -3.52 11.60 15.26
N LYS C 186 -4.20 12.51 15.94
CA LYS C 186 -4.05 12.70 17.40
C LYS C 186 -5.29 12.05 18.03
N ALA C 187 -5.09 11.19 19.02
CA ALA C 187 -6.10 10.30 19.60
C ALA C 187 -6.18 10.57 21.10
N HIS C 188 -7.39 10.48 21.63
CA HIS C 188 -7.59 10.51 23.08
C HIS C 188 -8.88 9.77 23.38
N VAL C 189 -9.09 9.38 24.64
CA VAL C 189 -10.30 8.66 25.08
C VAL C 189 -11.05 9.54 26.08
N THR C 190 -12.35 9.67 25.88
CA THR C 190 -13.23 10.34 26.85
C THR C 190 -14.15 9.32 27.48
N HIS C 191 -14.81 9.75 28.57
CA HIS C 191 -15.61 8.91 29.47
C HIS C 191 -16.92 9.62 29.76
N HIS C 192 -18.04 8.96 29.57
CA HIS C 192 -19.37 9.61 29.59
C HIS C 192 -20.30 8.75 30.46
N PRO C 193 -21.10 9.34 31.36
CA PRO C 193 -22.17 8.59 31.99
C PRO C 193 -23.06 7.99 30.91
N ARG C 194 -23.73 6.88 31.20
CA ARG C 194 -24.60 6.20 30.22
C ARG C 194 -25.89 5.72 30.92
N SER C 195 -25.79 4.69 31.75
CA SER C 195 -26.95 4.16 32.52
C SER C 195 -26.44 3.42 33.75
N LYS C 196 -27.37 2.88 34.54
CA LYS C 196 -27.06 2.25 35.84
C LYS C 196 -25.92 1.27 35.57
N GLY C 197 -24.79 1.50 36.24
CA GLY C 197 -23.61 0.61 36.27
C GLY C 197 -22.83 0.58 34.96
N GLU C 198 -23.13 1.48 34.00
CA GLU C 198 -22.46 1.45 32.67
C GLU C 198 -22.01 2.86 32.22
N VAL C 199 -20.86 2.90 31.57
CA VAL C 199 -20.26 4.15 31.02
C VAL C 199 -19.91 3.96 29.54
N THR C 200 -19.78 5.09 28.82
CA THR C 200 -19.34 5.15 27.41
C THR C 200 -17.88 5.57 27.43
N LEU C 201 -17.03 4.81 26.73
CA LEU C 201 -15.62 5.17 26.42
C LEU C 201 -15.61 5.58 24.94
N ARG C 202 -15.04 6.73 24.62
CA ARG C 202 -15.08 7.23 23.21
C ARG C 202 -13.65 7.52 22.85
N CYS C 203 -13.20 6.83 21.81
CA CYS C 203 -11.85 6.93 21.23
C CYS C 203 -11.92 7.84 20.02
N TRP C 204 -11.21 8.95 20.11
CA TRP C 204 -11.21 10.05 19.15
C TRP C 204 -9.93 9.93 18.32
N ALA C 205 -10.06 10.19 17.04
CA ALA C 205 -8.94 10.41 16.09
C ALA C 205 -9.17 11.72 15.36
N LEU C 206 -8.23 12.63 15.46
CA LEU C 206 -8.41 14.01 14.94
C LEU C 206 -7.20 14.40 14.07
N GLY C 207 -7.41 15.29 13.10
CA GLY C 207 -6.30 16.03 12.46
C GLY C 207 -5.60 15.15 11.41
N PHE C 208 -6.20 14.06 10.96
CA PHE C 208 -5.44 13.08 10.11
C PHE C 208 -5.76 13.31 8.62
N TYR C 209 -4.81 12.87 7.79
CA TYR C 209 -4.89 12.87 6.33
C TYR C 209 -3.92 11.76 5.86
N PRO C 210 -4.34 10.91 4.90
CA PRO C 210 -5.66 10.91 4.27
C PRO C 210 -6.79 10.34 5.16
N ALA C 211 -7.99 10.24 4.58
CA ALA C 211 -9.26 10.03 5.31
C ALA C 211 -9.33 8.58 5.77
N ASP C 212 -8.74 7.66 5.00
CA ASP C 212 -8.74 6.21 5.41
C ASP C 212 -8.14 5.99 6.82
N ILE C 213 -8.83 5.28 7.68
CA ILE C 213 -8.41 5.01 9.08
C ILE C 213 -9.13 3.77 9.60
N THR C 214 -8.57 3.09 10.61
CA THR C 214 -9.30 2.04 11.35
C THR C 214 -9.19 2.28 12.85
N LEU C 215 -10.32 2.31 13.54
CA LEU C 215 -10.40 2.41 15.02
C LEU C 215 -10.95 1.09 15.55
N THR C 216 -10.33 0.51 16.58
CA THR C 216 -10.76 -0.79 17.13
C THR C 216 -10.74 -0.65 18.63
N TRP C 217 -11.67 -1.35 19.26
CA TRP C 217 -11.68 -1.55 20.72
C TRP C 217 -11.37 -3.00 21.04
N GLN C 218 -10.67 -3.23 22.13
CA GLN C 218 -10.46 -4.60 22.66
C GLN C 218 -10.71 -4.58 24.18
N LEU C 219 -11.15 -5.75 24.67
CA LEU C 219 -11.30 -6.11 26.10
C LEU C 219 -10.15 -7.06 26.45
N ASN C 220 -9.19 -6.63 27.26
CA ASN C 220 -7.95 -7.41 27.55
C ASN C 220 -7.35 -7.81 26.19
N GLY C 221 -7.38 -9.10 25.84
CA GLY C 221 -6.88 -9.51 24.52
C GLY C 221 -7.71 -9.02 23.34
N GLU C 222 -8.95 -9.48 23.22
CA GLU C 222 -9.59 -9.69 21.90
C GLU C 222 -10.44 -8.49 21.49
N GLU C 223 -10.79 -8.51 20.22
CA GLU C 223 -11.46 -7.44 19.47
C GLU C 223 -12.95 -7.45 19.83
N LEU C 224 -13.59 -6.28 19.74
CA LEU C 224 -15.05 -6.08 19.91
C LEU C 224 -15.66 -5.67 18.57
N THR C 225 -15.96 -6.65 17.68
CA THR C 225 -16.94 -6.52 16.57
C THR C 225 -18.33 -6.54 17.21
N GLN C 226 -19.24 -5.68 16.75
CA GLN C 226 -20.63 -5.56 17.28
C GLN C 226 -20.56 -5.03 18.72
N ASP C 227 -21.45 -4.08 19.06
CA ASP C 227 -21.47 -3.26 20.30
C ASP C 227 -20.50 -2.08 20.19
N MET C 228 -19.75 -1.92 19.10
CA MET C 228 -18.96 -0.69 18.86
C MET C 228 -19.82 0.33 18.09
N GLU C 229 -20.00 1.56 18.57
CA GLU C 229 -20.61 2.64 17.73
C GLU C 229 -19.47 3.44 17.05
N LEU C 230 -19.59 3.66 15.75
CA LEU C 230 -18.56 4.19 14.84
C LEU C 230 -19.26 5.33 14.12
N VAL C 231 -18.76 6.56 14.22
CA VAL C 231 -19.31 7.65 13.40
C VAL C 231 -18.67 7.63 11.99
N GLU C 232 -19.39 8.09 11.00
CA GLU C 232 -18.89 8.30 9.62
C GLU C 232 -17.70 9.30 9.72
N THR C 233 -16.62 9.01 9.04
CA THR C 233 -15.43 9.87 9.00
C THR C 233 -15.85 11.26 8.47
N ARG C 234 -15.36 12.33 9.02
CA ARG C 234 -15.93 13.66 8.67
C ARG C 234 -14.80 14.64 8.49
N PRO C 235 -15.00 15.61 7.56
CA PRO C 235 -14.01 16.65 7.34
C PRO C 235 -14.01 17.69 8.48
N ALA C 236 -12.81 18.09 8.87
CA ALA C 236 -12.64 19.23 9.83
C ALA C 236 -12.82 20.58 9.12
N GLY C 237 -12.66 20.61 7.81
CA GLY C 237 -12.83 21.79 6.96
C GLY C 237 -11.51 22.47 6.71
N ASP C 238 -10.42 22.00 7.34
CA ASP C 238 -9.03 22.47 7.09
C ASP C 238 -8.18 21.48 6.24
N GLY C 239 -8.80 20.53 5.55
CA GLY C 239 -8.13 19.50 4.76
C GLY C 239 -7.87 18.23 5.54
N THR C 240 -8.09 18.20 6.87
CA THR C 240 -7.94 16.97 7.67
C THR C 240 -9.31 16.37 8.00
N PHE C 241 -9.26 15.20 8.61
CA PHE C 241 -10.43 14.41 8.99
C PHE C 241 -10.48 14.05 10.47
N GLN C 242 -11.69 13.64 10.91
CA GLN C 242 -12.10 13.29 12.28
C GLN C 242 -12.88 11.99 12.25
N LYS C 243 -12.70 11.17 13.30
CA LYS C 243 -13.59 10.01 13.53
C LYS C 243 -13.54 9.67 15.02
N TRP C 244 -14.55 8.97 15.49
CA TRP C 244 -14.53 8.33 16.82
C TRP C 244 -15.25 7.00 16.77
N ALA C 245 -14.94 6.19 17.79
CA ALA C 245 -15.59 4.90 18.05
C ALA C 245 -15.84 4.75 19.54
N SER C 246 -17.02 4.23 19.92
CA SER C 246 -17.35 4.14 21.36
C SER C 246 -17.86 2.75 21.73
N VAL C 247 -17.70 2.39 23.00
CA VAL C 247 -18.27 1.14 23.57
C VAL C 247 -18.90 1.49 24.91
N VAL C 248 -19.93 0.73 25.27
CA VAL C 248 -20.55 0.78 26.63
C VAL C 248 -19.88 -0.30 27.48
N VAL C 249 -19.29 0.09 28.59
CA VAL C 249 -18.48 -0.81 29.45
C VAL C 249 -19.11 -0.77 30.83
N PRO C 250 -18.87 -1.79 31.68
CA PRO C 250 -19.24 -1.72 33.09
C PRO C 250 -18.42 -0.70 33.91
N LEU C 251 -19.10 0.08 34.73
CA LEU C 251 -18.49 1.02 35.70
C LEU C 251 -17.47 0.22 36.52
N GLY C 252 -16.23 0.69 36.68
CA GLY C 252 -15.19 0.00 37.44
C GLY C 252 -14.29 -0.91 36.60
N LYS C 253 -14.62 -1.22 35.34
CA LYS C 253 -13.67 -2.05 34.54
C LYS C 253 -13.20 -1.34 33.25
N GLU C 254 -13.14 -0.02 33.27
CA GLU C 254 -12.73 0.80 32.11
C GLU C 254 -11.29 0.44 31.75
N GLN C 255 -10.46 0.06 32.73
CA GLN C 255 -8.99 -0.11 32.56
C GLN C 255 -8.67 -1.34 31.71
N ASN C 256 -9.60 -2.29 31.61
CA ASN C 256 -9.46 -3.54 30.82
C ASN C 256 -9.68 -3.28 29.32
N TYR C 257 -10.04 -2.06 28.92
CA TYR C 257 -10.44 -1.75 27.51
C TYR C 257 -9.38 -0.88 26.87
N THR C 258 -9.09 -1.18 25.62
CA THR C 258 -8.04 -0.45 24.90
C THR C 258 -8.59 -0.06 23.53
N CYS C 259 -8.23 1.14 23.09
CA CYS C 259 -8.54 1.61 21.74
C CYS C 259 -7.28 1.52 20.90
N ARG C 260 -7.33 1.01 19.66
CA ARG C 260 -6.13 1.06 18.77
C ARG C 260 -6.49 1.88 17.53
N VAL C 261 -5.58 2.74 17.10
CA VAL C 261 -5.81 3.46 15.83
C VAL C 261 -4.67 3.14 14.85
N TYR C 262 -5.11 2.72 13.69
CA TYR C 262 -4.32 2.34 12.52
C TYR C 262 -4.51 3.44 11.47
N HIS C 263 -3.41 3.96 10.99
CA HIS C 263 -3.38 4.93 9.88
C HIS C 263 -2.03 4.86 9.15
N GLU C 264 -2.05 5.30 7.90
CA GLU C 264 -0.82 5.31 7.06
C GLU C 264 0.25 6.23 7.68
N GLY C 265 -0.07 7.21 8.56
CA GLY C 265 0.92 8.11 9.19
C GLY C 265 1.44 7.56 10.49
N LEU C 266 1.04 6.32 10.84
CA LEU C 266 1.37 5.74 12.16
C LEU C 266 2.13 4.40 11.94
N PRO C 267 3.46 4.40 11.80
CA PRO C 267 4.20 3.13 11.59
C PRO C 267 3.84 2.13 12.69
N GLU C 268 3.70 2.70 13.89
CA GLU C 268 3.25 1.98 15.07
C GLU C 268 1.86 2.48 15.45
N PRO C 269 0.84 1.60 15.41
CA PRO C 269 -0.54 1.98 15.69
C PRO C 269 -0.63 2.52 17.10
N LEU C 270 -1.54 3.47 17.35
CA LEU C 270 -1.61 4.05 18.72
C LEU C 270 -2.42 3.06 19.54
N THR C 271 -2.12 2.97 20.82
CA THR C 271 -2.90 2.15 21.74
C THR C 271 -3.23 3.06 22.90
N LEU C 272 -4.51 3.24 23.22
CA LEU C 272 -4.89 4.17 24.33
C LEU C 272 -5.79 3.46 25.33
N ARG C 273 -5.70 3.89 26.57
CA ARG C 273 -6.56 3.36 27.66
C ARG C 273 -7.18 4.56 28.34
N TRP C 274 -8.42 4.45 28.82
CA TRP C 274 -8.96 5.55 29.65
C TRP C 274 -8.19 5.55 30.98
N GLN C 275 -7.71 6.70 31.44
CA GLN C 275 -7.10 6.87 32.79
C GLN C 275 -8.14 7.42 33.80
N HIS D 1 -8.49 15.58 -16.10
CA HIS D 1 -9.01 15.78 -17.48
C HIS D 1 -10.22 14.87 -17.65
N PRO D 2 -11.41 15.45 -17.97
CA PRO D 2 -12.64 14.67 -17.97
C PRO D 2 -12.68 13.74 -19.18
N GLY D 3 -13.69 12.90 -19.16
CA GLY D 3 -14.01 12.04 -20.30
C GLY D 3 -14.52 12.87 -21.43
N SER D 4 -14.32 12.37 -22.64
CA SER D 4 -14.76 13.08 -23.87
C SER D 4 -16.27 13.01 -23.92
N VAL D 5 -16.89 13.74 -24.83
CA VAL D 5 -18.36 13.73 -24.96
C VAL D 5 -18.79 12.31 -25.19
N ASN D 6 -19.78 11.87 -24.44
CA ASN D 6 -20.30 10.49 -24.49
C ASN D 6 -20.87 10.25 -25.89
N GLU D 7 -20.56 9.09 -26.49
CA GLU D 7 -20.95 8.80 -27.91
C GLU D 7 -22.13 7.79 -27.97
N PHE D 8 -22.61 7.28 -26.84
CA PHE D 8 -23.60 6.18 -26.84
C PHE D 8 -24.73 6.61 -25.92
N ASP D 9 -25.94 6.52 -26.44
CA ASP D 9 -27.14 6.93 -25.70
C ASP D 9 -27.67 5.67 -25.08
N PHE D 10 -28.55 5.81 -24.09
CA PHE D 10 -29.06 4.62 -23.39
C PHE D 10 -29.96 3.75 -24.28
N GLY D 11 -30.76 4.35 -25.14
CA GLY D 11 -31.60 3.62 -26.13
C GLY D 11 -32.68 2.72 -25.56
N CYS D 12 -33.31 2.98 -24.41
CA CYS D 12 -34.21 1.96 -23.79
C CYS D 12 -35.72 2.18 -24.07
N SER E 3 -42.01 8.05 -1.50
CA SER E 3 -41.20 7.75 -0.28
C SER E 3 -39.88 7.02 -0.66
N GLY E 4 -39.58 5.87 -0.04
CA GLY E 4 -38.22 5.31 0.18
C GLY E 4 -37.53 4.85 -1.09
N GLY E 5 -38.30 4.54 -2.14
CA GLY E 5 -37.73 4.13 -3.45
C GLY E 5 -37.25 5.32 -4.26
N ILE E 6 -37.56 6.56 -3.86
CA ILE E 6 -37.13 7.75 -4.69
C ILE E 6 -36.55 8.93 -3.91
N GLN E 7 -36.50 8.87 -2.58
CA GLN E 7 -35.92 9.91 -1.71
C GLN E 7 -35.12 9.24 -0.61
N LYS E 8 -34.11 9.94 -0.14
CA LYS E 8 -33.25 9.46 0.95
C LYS E 8 -33.14 10.65 1.92
N THR E 9 -33.34 10.36 3.17
CA THR E 9 -33.37 11.39 4.22
C THR E 9 -31.95 11.73 4.65
N PRO E 10 -31.64 13.02 4.82
CA PRO E 10 -30.31 13.44 5.23
C PRO E 10 -29.90 12.97 6.63
N GLN E 11 -28.61 12.64 6.77
CA GLN E 11 -27.97 12.28 8.03
C GLN E 11 -27.20 13.55 8.38
N ILE E 12 -27.07 13.91 9.65
CA ILE E 12 -26.41 15.18 9.99
C ILE E 12 -25.43 14.97 11.11
N GLN E 13 -24.21 15.49 11.02
CA GLN E 13 -23.31 15.60 12.20
C GLN E 13 -23.04 17.07 12.41
N VAL E 14 -22.99 17.50 13.69
CA VAL E 14 -22.66 18.90 14.02
C VAL E 14 -21.46 18.86 14.93
N TYR E 15 -20.37 19.52 14.61
CA TYR E 15 -19.11 19.32 15.38
C TYR E 15 -18.15 20.45 15.07
N SER E 16 -17.20 20.68 15.98
CA SER E 16 -16.22 21.78 15.82
C SER E 16 -14.98 21.27 15.10
N ARG E 17 -14.34 22.19 14.37
CA ARG E 17 -13.08 21.88 13.64
C ARG E 17 -11.99 21.56 14.69
N HIS E 18 -11.85 22.41 15.72
CA HIS E 18 -10.85 22.22 16.78
C HIS E 18 -11.53 21.77 18.07
N PRO E 19 -10.79 21.11 18.99
CA PRO E 19 -11.29 20.76 20.34
C PRO E 19 -11.91 21.98 20.98
N PRO E 20 -13.17 21.94 21.43
CA PRO E 20 -13.81 23.17 21.87
C PRO E 20 -13.24 23.63 23.20
N GLU E 21 -12.91 24.89 23.32
CA GLU E 21 -12.49 25.50 24.59
C GLU E 21 -13.42 26.69 24.81
N ASN E 22 -14.12 26.75 25.95
CA ASN E 22 -15.07 27.87 26.20
C ASN E 22 -14.35 29.19 26.09
N GLY E 23 -14.96 30.18 25.43
CA GLY E 23 -14.39 31.51 25.21
C GLY E 23 -13.38 31.55 24.06
N LYS E 24 -12.96 30.43 23.46
CA LYS E 24 -12.00 30.47 22.31
C LYS E 24 -12.68 30.31 20.95
N PRO E 25 -12.43 31.22 19.99
CA PRO E 25 -12.96 31.19 18.65
C PRO E 25 -12.64 29.87 17.96
N ASN E 26 -13.64 29.34 17.25
CA ASN E 26 -13.49 28.00 16.61
C ASN E 26 -14.32 28.04 15.32
N ILE E 27 -14.53 26.88 14.70
CA ILE E 27 -15.41 26.76 13.53
C ILE E 27 -16.37 25.60 13.84
N LEU E 28 -17.62 25.84 13.59
CA LEU E 28 -18.64 24.78 13.74
C LEU E 28 -19.02 24.29 12.33
N ASN E 29 -19.13 22.98 12.21
CA ASN E 29 -19.39 22.26 10.96
C ASN E 29 -20.78 21.60 11.09
N CYS E 30 -21.55 21.60 10.00
CA CYS E 30 -22.76 20.80 9.88
C CYS E 30 -22.59 20.01 8.56
N TYR E 31 -22.29 18.72 8.70
CA TYR E 31 -21.99 17.78 7.62
C TYR E 31 -23.27 17.02 7.35
N VAL E 32 -23.85 17.22 6.17
CA VAL E 32 -25.18 16.63 5.86
C VAL E 32 -24.93 15.67 4.70
N THR E 33 -25.27 14.43 4.87
CA THR E 33 -24.84 13.39 3.94
C THR E 33 -26.02 12.46 3.64
N GLN E 34 -25.85 11.59 2.64
CA GLN E 34 -26.80 10.46 2.45
C GLN E 34 -28.19 10.91 2.00
N PHE E 35 -28.31 12.00 1.27
CA PHE E 35 -29.66 12.47 0.88
C PHE E 35 -29.86 12.45 -0.64
N HIS E 36 -31.15 12.39 -1.01
CA HIS E 36 -31.59 12.40 -2.43
C HIS E 36 -33.04 12.86 -2.42
N PRO E 37 -33.48 13.83 -3.24
CA PRO E 37 -32.71 14.49 -4.29
C PRO E 37 -31.76 15.57 -3.79
N PRO E 38 -30.94 16.19 -4.66
CA PRO E 38 -29.89 17.10 -4.20
C PRO E 38 -30.36 18.41 -3.59
N HIS E 39 -31.56 18.90 -3.95
CA HIS E 39 -32.05 20.21 -3.48
C HIS E 39 -32.19 20.16 -1.94
N ILE E 40 -31.55 21.04 -1.23
CA ILE E 40 -31.61 21.02 0.26
C ILE E 40 -31.48 22.46 0.78
N GLU E 41 -31.94 22.71 2.02
CA GLU E 41 -31.75 24.05 2.65
C GLU E 41 -31.18 23.86 4.05
N ILE E 42 -30.05 24.52 4.34
CA ILE E 42 -29.31 24.33 5.61
C ILE E 42 -29.16 25.72 6.29
N GLN E 43 -29.52 25.80 7.56
CA GLN E 43 -29.32 27.00 8.41
C GLN E 43 -28.54 26.58 9.63
N MET E 44 -27.70 27.47 10.13
CA MET E 44 -27.06 27.19 11.43
C MET E 44 -27.63 28.19 12.42
N LEU E 45 -27.76 27.77 13.67
CA LEU E 45 -28.51 28.56 14.69
C LEU E 45 -27.64 28.73 15.91
N LYS E 46 -27.83 29.85 16.58
CA LYS E 46 -27.25 30.14 17.94
C LYS E 46 -28.42 30.47 18.87
N ASN E 47 -28.65 29.64 19.92
CA ASN E 47 -29.81 29.85 20.81
C ASN E 47 -31.09 29.89 19.98
N GLY E 48 -31.13 29.21 18.81
CA GLY E 48 -32.35 29.16 18.01
C GLY E 48 -32.45 30.24 16.95
N LYS E 49 -31.58 31.24 16.94
CA LYS E 49 -31.65 32.36 16.00
C LYS E 49 -30.68 32.11 14.85
N LYS E 50 -31.12 32.30 13.64
CA LYS E 50 -30.28 32.09 12.42
C LYS E 50 -28.96 32.85 12.53
N ILE E 51 -27.82 32.19 12.25
CA ILE E 51 -26.49 32.80 12.11
C ILE E 51 -26.35 33.32 10.68
N PRO E 52 -26.06 34.62 10.45
CA PRO E 52 -26.06 35.16 9.09
C PRO E 52 -24.89 34.67 8.22
N LYS E 53 -23.68 34.46 8.70
CA LYS E 53 -22.60 34.28 7.66
C LYS E 53 -22.20 32.81 7.59
N VAL E 54 -23.03 32.00 6.96
CA VAL E 54 -22.77 30.53 6.95
C VAL E 54 -22.21 30.24 5.55
N GLU E 55 -21.08 29.59 5.45
CA GLU E 55 -20.52 29.13 4.17
C GLU E 55 -20.94 27.69 3.90
N MET E 56 -21.09 27.35 2.63
CA MET E 56 -21.46 25.97 2.27
C MET E 56 -20.64 25.50 1.08
N SER E 57 -20.24 24.23 1.06
CA SER E 57 -19.59 23.60 -0.11
C SER E 57 -20.62 23.54 -1.26
N ASP E 58 -20.18 23.28 -2.48
CA ASP E 58 -21.11 23.07 -3.62
C ASP E 58 -21.62 21.62 -3.59
N MET E 59 -22.70 21.37 -4.35
CA MET E 59 -23.32 20.02 -4.65
C MET E 59 -22.20 18.98 -4.96
N SER E 60 -22.03 17.93 -4.17
CA SER E 60 -21.27 16.70 -4.56
C SER E 60 -21.98 15.42 -4.12
N PHE E 61 -21.52 14.29 -4.66
CA PHE E 61 -22.14 12.98 -4.32
C PHE E 61 -21.07 11.95 -4.10
N SER E 62 -21.46 10.91 -3.40
CA SER E 62 -20.51 9.87 -2.97
C SER E 62 -20.67 8.67 -3.87
N LYS E 63 -19.84 7.67 -3.63
CA LYS E 63 -19.76 6.43 -4.41
C LYS E 63 -21.07 5.65 -4.35
N ASP E 64 -21.93 5.81 -3.33
CA ASP E 64 -23.26 5.14 -3.24
C ASP E 64 -24.36 6.00 -3.88
N TRP E 65 -23.99 7.12 -4.49
CA TRP E 65 -24.80 8.04 -5.29
C TRP E 65 -25.36 9.20 -4.46
N SER E 66 -25.43 9.04 -3.13
CA SER E 66 -26.18 10.01 -2.28
C SER E 66 -25.38 11.32 -2.30
N PHE E 67 -26.06 12.44 -2.11
CA PHE E 67 -25.46 13.80 -2.08
C PHE E 67 -24.94 14.16 -0.68
N TYR E 68 -24.00 15.10 -0.60
CA TYR E 68 -23.48 15.59 0.70
C TYR E 68 -23.08 17.06 0.56
N ILE E 69 -23.06 17.74 1.70
CA ILE E 69 -22.67 19.18 1.72
C ILE E 69 -22.09 19.47 3.09
N LEU E 70 -21.08 20.33 3.14
CA LEU E 70 -20.55 20.78 4.44
C LEU E 70 -20.88 22.25 4.56
N ALA E 71 -21.60 22.62 5.62
CA ALA E 71 -21.85 24.01 6.08
C ALA E 71 -20.95 24.31 7.27
N HIS E 72 -20.47 25.54 7.37
CA HIS E 72 -19.65 25.94 8.52
C HIS E 72 -19.75 27.46 8.82
N THR E 73 -19.38 27.82 10.02
CA THR E 73 -19.44 29.21 10.47
C THR E 73 -18.45 29.32 11.59
N GLU E 74 -18.00 30.57 11.81
CA GLU E 74 -17.20 30.92 12.99
C GLU E 74 -18.08 30.90 14.20
N PHE E 75 -17.57 30.42 15.31
CA PHE E 75 -18.34 30.46 16.56
C PHE E 75 -17.32 30.50 17.70
N THR E 76 -17.82 30.86 18.87
CA THR E 76 -17.09 30.85 20.17
C THR E 76 -17.95 30.04 21.11
N PRO E 77 -17.62 28.79 21.40
CA PRO E 77 -18.43 28.03 22.36
C PRO E 77 -18.37 28.59 23.78
N THR E 78 -19.44 28.35 24.57
CA THR E 78 -19.58 28.73 26.00
C THR E 78 -20.25 27.55 26.68
N GLU E 79 -20.47 27.59 27.99
CA GLU E 79 -21.19 26.49 28.68
C GLU E 79 -22.69 26.68 28.43
N THR E 80 -23.19 27.85 27.98
CA THR E 80 -24.65 28.16 28.05
C THR E 80 -25.27 28.50 26.68
N ASP E 81 -24.49 28.80 25.65
CA ASP E 81 -25.04 29.04 24.30
C ASP E 81 -25.31 27.69 23.61
N THR E 82 -26.48 27.51 23.03
CA THR E 82 -26.76 26.32 22.15
C THR E 82 -26.42 26.66 20.68
N TYR E 83 -26.04 25.65 19.93
CA TYR E 83 -25.72 25.78 18.48
C TYR E 83 -26.42 24.59 17.83
N ALA E 84 -26.98 24.77 16.63
CA ALA E 84 -27.71 23.70 15.96
C ALA E 84 -27.60 23.93 14.48
N CYS E 85 -27.86 22.84 13.78
CA CYS E 85 -28.00 22.84 12.30
C CYS E 85 -29.46 22.51 12.02
N ARG E 86 -30.13 23.29 11.18
CA ARG E 86 -31.54 22.99 10.76
C ARG E 86 -31.58 22.67 9.25
N VAL E 87 -32.16 21.56 8.85
CA VAL E 87 -32.13 21.09 7.43
C VAL E 87 -33.56 20.92 6.97
N LYS E 88 -33.87 21.42 5.80
CA LYS E 88 -35.15 21.21 5.10
C LYS E 88 -34.88 20.50 3.75
N HIS E 89 -35.57 19.38 3.56
CA HIS E 89 -35.38 18.43 2.44
C HIS E 89 -36.72 17.77 2.16
N ALA E 90 -36.99 17.46 0.91
CA ALA E 90 -38.31 16.93 0.46
C ALA E 90 -38.55 15.59 1.12
N SER E 91 -37.53 14.83 1.59
CA SER E 91 -37.77 13.54 2.30
C SER E 91 -38.48 13.72 3.66
N MET E 92 -38.54 14.91 4.22
CA MET E 92 -39.11 15.11 5.58
C MET E 92 -40.26 16.14 5.49
N ALA E 93 -41.32 15.95 6.25
CA ALA E 93 -42.48 16.85 6.34
C ALA E 93 -42.06 18.17 7.01
N GLU E 94 -41.21 18.10 8.02
CA GLU E 94 -40.76 19.30 8.79
C GLU E 94 -39.23 19.37 8.75
N PRO E 95 -38.65 20.59 8.79
CA PRO E 95 -37.22 20.74 9.01
C PRO E 95 -36.70 19.97 10.23
N LYS E 96 -35.54 19.38 10.10
CA LYS E 96 -34.85 18.62 11.14
C LYS E 96 -33.81 19.56 11.78
N THR E 97 -33.93 19.73 13.09
CA THR E 97 -32.96 20.47 13.92
C THR E 97 -32.06 19.50 14.65
N VAL E 98 -30.74 19.65 14.51
CA VAL E 98 -29.75 18.84 15.23
C VAL E 98 -28.86 19.77 16.08
N TYR E 99 -28.83 19.53 17.38
CA TYR E 99 -28.02 20.41 18.26
C TYR E 99 -26.57 19.95 18.25
N TRP E 100 -25.64 20.87 18.39
CA TRP E 100 -24.24 20.55 18.72
C TRP E 100 -24.08 19.93 20.10
N ASP E 101 -23.41 18.77 20.17
CA ASP E 101 -23.02 18.13 21.43
C ASP E 101 -21.49 18.06 21.40
N ARG E 102 -20.80 18.82 22.25
CA ARG E 102 -19.32 18.74 22.30
C ARG E 102 -18.78 17.34 22.58
N ASP E 103 -19.60 16.38 23.03
CA ASP E 103 -19.06 15.01 23.30
C ASP E 103 -19.21 14.08 22.09
N MET E 104 -19.61 14.58 20.90
CA MET E 104 -20.01 13.77 19.70
C MET E 104 -19.31 14.24 18.41
N GLY F 2 28.32 -30.65 -12.96
CA GLY F 2 26.96 -31.00 -13.53
C GLY F 2 26.20 -32.07 -12.74
N SER F 3 26.21 -32.03 -11.40
CA SER F 3 25.22 -32.62 -10.42
C SER F 3 24.09 -31.61 -10.12
N GLY F 4 23.34 -31.25 -11.15
CA GLY F 4 22.39 -30.10 -11.09
C GLY F 4 21.21 -30.35 -10.17
N GLY F 5 21.01 -31.55 -9.70
CA GLY F 5 20.02 -31.89 -8.64
C GLY F 5 20.46 -31.57 -7.21
N ILE F 6 21.75 -31.39 -6.95
CA ILE F 6 22.21 -31.23 -5.55
C ILE F 6 23.09 -29.99 -5.45
N GLN F 7 23.43 -29.33 -6.54
CA GLN F 7 24.25 -28.09 -6.48
C GLN F 7 23.66 -27.06 -7.40
N LYS F 8 23.86 -25.80 -7.10
CA LYS F 8 23.54 -24.72 -8.03
C LYS F 8 24.75 -23.80 -8.13
N THR F 9 25.10 -23.45 -9.34
CA THR F 9 26.30 -22.65 -9.63
C THR F 9 25.99 -21.17 -9.38
N PRO F 10 26.86 -20.42 -8.70
CA PRO F 10 26.66 -19.00 -8.44
C PRO F 10 26.62 -18.15 -9.72
N GLN F 11 25.74 -17.15 -9.75
CA GLN F 11 25.64 -16.05 -10.74
C GLN F 11 26.35 -14.89 -10.05
N ILE F 12 27.31 -14.27 -10.72
CA ILE F 12 28.23 -13.28 -10.14
C ILE F 12 28.03 -12.00 -10.93
N GLN F 13 27.59 -10.96 -10.24
CA GLN F 13 27.25 -9.66 -10.81
C GLN F 13 28.20 -8.65 -10.16
N VAL F 14 28.90 -7.88 -10.98
CA VAL F 14 29.91 -6.89 -10.49
C VAL F 14 29.52 -5.54 -11.03
N TYR F 15 29.29 -4.57 -10.15
CA TYR F 15 28.71 -3.28 -10.57
C TYR F 15 29.04 -2.23 -9.52
N SER F 16 29.08 -0.97 -9.97
CA SER F 16 29.33 0.18 -9.10
C SER F 16 28.03 0.88 -8.67
N ARG F 17 28.07 1.59 -7.55
CA ARG F 17 26.90 2.32 -7.04
C ARG F 17 26.59 3.45 -8.05
N HIS F 18 27.61 4.21 -8.43
CA HIS F 18 27.54 5.33 -9.42
C HIS F 18 28.16 4.92 -10.75
N PRO F 19 27.66 5.46 -11.88
CA PRO F 19 28.38 5.32 -13.15
C PRO F 19 29.81 5.82 -12.90
N PRO F 20 30.83 5.06 -13.35
CA PRO F 20 32.19 5.31 -12.95
C PRO F 20 32.77 6.59 -13.58
N GLU F 21 33.49 7.34 -12.77
CA GLU F 21 34.25 8.52 -13.23
C GLU F 21 35.62 8.42 -12.61
N ASN F 22 36.67 8.43 -13.44
CA ASN F 22 38.05 8.24 -12.94
C ASN F 22 38.33 9.27 -11.83
N GLY F 23 38.89 8.80 -10.72
CA GLY F 23 39.22 9.59 -9.52
C GLY F 23 38.02 10.12 -8.76
N LYS F 24 36.78 9.66 -9.02
CA LYS F 24 35.61 9.98 -8.17
C LYS F 24 35.25 8.79 -7.30
N PRO F 25 35.15 8.98 -5.99
CA PRO F 25 34.87 7.90 -5.07
C PRO F 25 33.52 7.24 -5.33
N ASN F 26 33.47 5.95 -5.08
CA ASN F 26 32.34 5.08 -5.48
C ASN F 26 32.32 3.84 -4.58
N ILE F 27 31.41 2.92 -4.86
CA ILE F 27 31.29 1.59 -4.17
C ILE F 27 31.22 0.52 -5.26
N LEU F 28 32.05 -0.51 -5.13
CA LEU F 28 32.05 -1.70 -6.02
C LEU F 28 31.37 -2.85 -5.28
N ASN F 29 30.46 -3.45 -5.99
CA ASN F 29 29.63 -4.52 -5.45
C ASN F 29 29.90 -5.80 -6.24
N CYS F 30 29.91 -6.90 -5.56
CA CYS F 30 29.87 -8.28 -6.14
C CYS F 30 28.68 -9.03 -5.49
N TYR F 31 27.58 -9.12 -6.24
CA TYR F 31 26.37 -9.75 -5.74
C TYR F 31 26.43 -11.19 -6.25
N VAL F 32 26.52 -12.14 -5.33
CA VAL F 32 26.70 -13.56 -5.69
C VAL F 32 25.41 -14.29 -5.35
N THR F 33 24.74 -14.85 -6.36
CA THR F 33 23.34 -15.26 -6.24
C THR F 33 23.01 -16.63 -6.76
N GLN F 34 21.84 -17.15 -6.35
N GLN F 34 21.86 -17.16 -6.35
CA GLN F 34 21.27 -18.40 -6.88
CA GLN F 34 21.31 -18.39 -6.97
C GLN F 34 22.28 -19.55 -6.75
C GLN F 34 22.26 -19.56 -6.76
N PHE F 35 22.92 -19.69 -5.59
CA PHE F 35 23.85 -20.82 -5.36
C PHE F 35 23.36 -21.75 -4.24
N HIS F 36 23.89 -22.95 -4.27
CA HIS F 36 23.60 -23.98 -3.25
C HIS F 36 24.66 -25.07 -3.40
N PRO F 37 25.30 -25.58 -2.31
CA PRO F 37 24.97 -25.24 -0.93
C PRO F 37 25.59 -23.90 -0.50
N PRO F 38 25.33 -23.45 0.75
CA PRO F 38 25.64 -22.06 1.09
C PRO F 38 27.09 -21.71 1.37
N HIS F 39 27.96 -22.69 1.57
CA HIS F 39 29.38 -22.37 1.85
C HIS F 39 29.96 -21.72 0.61
N ILE F 40 30.58 -20.57 0.74
CA ILE F 40 31.14 -19.92 -0.46
C ILE F 40 32.31 -19.08 0.02
N GLU F 41 33.24 -18.76 -0.86
CA GLU F 41 34.34 -17.82 -0.54
C GLU F 41 34.46 -16.77 -1.64
N ILE F 42 34.41 -15.49 -1.27
CA ILE F 42 34.31 -14.37 -2.25
C ILE F 42 35.46 -13.43 -1.92
N GLN F 43 36.28 -13.16 -2.89
CA GLN F 43 37.33 -12.12 -2.81
C GLN F 43 37.04 -11.07 -3.87
N MET F 44 37.24 -9.83 -3.48
CA MET F 44 37.28 -8.73 -4.46
C MET F 44 38.71 -8.39 -4.70
N LEU F 45 39.02 -8.17 -5.95
CA LEU F 45 40.43 -8.08 -6.40
C LEU F 45 40.63 -6.72 -7.02
N LYS F 46 41.81 -6.12 -6.76
CA LYS F 46 42.23 -4.87 -7.43
C LYS F 46 43.57 -5.17 -8.09
N ASN F 47 43.64 -5.14 -9.40
CA ASN F 47 44.89 -5.53 -10.12
C ASN F 47 45.37 -6.88 -9.59
N GLY F 48 44.45 -7.84 -9.44
CA GLY F 48 44.79 -9.24 -9.19
C GLY F 48 45.10 -9.50 -7.74
N LYS F 49 44.95 -8.53 -6.85
CA LYS F 49 45.21 -8.77 -5.41
C LYS F 49 43.98 -8.44 -4.53
N LYS F 50 43.92 -9.18 -3.43
CA LYS F 50 42.81 -9.22 -2.46
C LYS F 50 42.66 -7.80 -1.91
N ILE F 51 41.50 -7.15 -2.03
CA ILE F 51 41.16 -5.89 -1.35
C ILE F 51 40.88 -6.28 0.11
N PRO F 52 41.51 -5.62 1.09
CA PRO F 52 41.23 -5.90 2.50
C PRO F 52 39.91 -5.22 2.95
N LYS F 53 39.26 -5.68 3.99
CA LYS F 53 38.15 -4.90 4.63
C LYS F 53 36.92 -4.85 3.69
N VAL F 54 36.72 -5.87 2.91
CA VAL F 54 35.51 -5.98 2.07
C VAL F 54 34.41 -6.31 3.07
N GLU F 55 33.26 -5.65 3.01
CA GLU F 55 32.07 -6.07 3.83
C GLU F 55 31.19 -7.07 3.08
N MET F 56 30.78 -8.09 3.82
CA MET F 56 29.84 -9.15 3.39
C MET F 56 28.50 -8.86 4.07
N SER F 57 27.43 -8.72 3.29
CA SER F 57 26.13 -8.36 3.89
C SER F 57 25.01 -8.95 3.05
N ASP F 58 23.79 -8.68 3.45
CA ASP F 58 22.60 -9.07 2.66
C ASP F 58 22.59 -10.58 2.28
N MET F 59 22.94 -11.40 3.21
CA MET F 59 22.78 -12.87 3.07
C MET F 59 21.30 -13.22 3.18
N SER F 60 20.78 -13.82 2.16
CA SER F 60 19.36 -14.25 2.16
C SER F 60 19.21 -15.46 1.25
N PHE F 61 17.99 -15.93 1.11
CA PHE F 61 17.71 -16.98 0.10
C PHE F 61 16.37 -16.70 -0.55
N SER F 62 16.16 -17.20 -1.76
CA SER F 62 14.98 -16.81 -2.55
C SER F 62 13.88 -17.80 -2.29
N LYS F 63 12.78 -17.61 -2.98
CA LYS F 63 11.63 -18.53 -2.95
C LYS F 63 12.06 -19.92 -3.42
N ASP F 64 13.04 -20.08 -4.31
CA ASP F 64 13.55 -21.43 -4.73
C ASP F 64 14.64 -21.94 -3.77
N TRP F 65 14.78 -21.29 -2.60
CA TRP F 65 15.72 -21.65 -1.50
C TRP F 65 17.18 -21.36 -1.84
N SER F 66 17.52 -20.91 -3.06
CA SER F 66 18.97 -20.65 -3.36
C SER F 66 19.46 -19.37 -2.67
N PHE F 67 20.80 -19.30 -2.43
CA PHE F 67 21.45 -18.31 -1.57
C PHE F 67 21.95 -17.12 -2.37
N TYR F 68 21.94 -15.99 -1.68
CA TYR F 68 22.34 -14.64 -2.16
C TYR F 68 23.27 -14.03 -1.11
N ILE F 69 24.27 -13.26 -1.55
CA ILE F 69 25.12 -12.53 -0.60
C ILE F 69 25.80 -11.40 -1.37
N LEU F 70 25.97 -10.26 -0.73
CA LEU F 70 26.66 -9.12 -1.29
C LEU F 70 28.02 -8.92 -0.65
N ALA F 71 29.04 -8.71 -1.51
CA ALA F 71 30.35 -8.24 -1.07
C ALA F 71 30.47 -6.81 -1.58
N HIS F 72 30.94 -5.87 -0.78
CA HIS F 72 31.04 -4.50 -1.31
C HIS F 72 32.25 -3.78 -0.70
N THR F 73 32.78 -2.79 -1.40
CA THR F 73 33.91 -1.99 -0.89
C THR F 73 33.85 -0.59 -1.51
N GLU F 74 34.30 0.39 -0.76
CA GLU F 74 34.53 1.77 -1.29
C GLU F 74 35.78 1.71 -2.15
N PHE F 75 35.75 2.37 -3.28
CA PHE F 75 36.89 2.41 -4.20
C PHE F 75 36.76 3.69 -5.02
N THR F 76 37.86 4.11 -5.57
CA THR F 76 37.93 5.24 -6.53
C THR F 76 38.50 4.67 -7.80
N PRO F 77 37.71 4.45 -8.88
CA PRO F 77 38.23 3.92 -10.14
C PRO F 77 39.19 4.92 -10.81
N THR F 78 40.21 4.38 -11.50
CA THR F 78 41.21 5.11 -12.34
C THR F 78 41.19 4.49 -13.72
N GLU F 79 41.92 5.06 -14.66
CA GLU F 79 41.96 4.54 -16.05
C GLU F 79 42.67 3.18 -16.08
N THR F 80 43.54 2.87 -15.10
CA THR F 80 44.45 1.69 -15.19
C THR F 80 44.21 0.63 -14.11
N ASP F 81 43.28 0.81 -13.18
CA ASP F 81 42.94 -0.18 -12.15
C ASP F 81 41.88 -1.15 -12.74
N THR F 82 42.19 -2.42 -12.65
CA THR F 82 41.32 -3.56 -13.01
C THR F 82 40.68 -4.14 -11.73
N TYR F 83 39.36 -4.34 -11.70
CA TYR F 83 38.64 -4.88 -10.54
C TYR F 83 37.90 -6.15 -10.97
N ALA F 84 37.84 -7.10 -10.07
CA ALA F 84 37.22 -8.42 -10.34
C ALA F 84 36.69 -8.98 -9.02
N CYS F 85 35.83 -9.98 -9.15
CA CYS F 85 35.32 -10.74 -8.05
C CYS F 85 35.72 -12.19 -8.34
N ARG F 86 36.33 -12.82 -7.35
CA ARG F 86 36.77 -14.22 -7.48
C ARG F 86 35.98 -15.07 -6.46
N VAL F 87 35.33 -16.09 -6.96
CA VAL F 87 34.44 -16.96 -6.15
C VAL F 87 34.91 -18.42 -6.19
N LYS F 88 34.93 -19.10 -5.02
CA LYS F 88 35.09 -20.56 -4.93
C LYS F 88 33.83 -21.14 -4.30
N HIS F 89 33.31 -22.14 -4.93
CA HIS F 89 32.05 -22.80 -4.48
C HIS F 89 32.18 -24.28 -4.87
N ALA F 90 31.59 -25.19 -4.11
CA ALA F 90 31.71 -26.64 -4.43
C ALA F 90 31.17 -26.96 -5.85
N SER F 91 30.29 -26.17 -6.44
CA SER F 91 29.69 -26.49 -7.75
C SER F 91 30.73 -26.37 -8.86
N MET F 92 31.90 -25.80 -8.60
CA MET F 92 32.85 -25.38 -9.65
C MET F 92 34.23 -25.95 -9.32
N ALA F 93 34.91 -26.57 -10.30
CA ALA F 93 36.25 -27.18 -10.10
C ALA F 93 37.27 -26.12 -9.68
N GLU F 94 37.22 -24.94 -10.33
CA GLU F 94 38.24 -23.87 -10.23
C GLU F 94 37.58 -22.63 -9.63
N PRO F 95 38.23 -21.75 -8.84
CA PRO F 95 37.71 -20.42 -8.56
C PRO F 95 37.36 -19.77 -9.89
N LYS F 96 36.23 -19.09 -9.94
CA LYS F 96 35.81 -18.26 -11.09
C LYS F 96 36.14 -16.79 -10.80
N THR F 97 36.89 -16.11 -11.68
CA THR F 97 37.11 -14.65 -11.59
C THR F 97 36.26 -13.91 -12.61
N VAL F 98 35.42 -12.95 -12.17
CA VAL F 98 34.53 -12.13 -13.05
C VAL F 98 35.01 -10.67 -13.01
N TYR F 99 35.29 -10.08 -14.17
CA TYR F 99 35.88 -8.72 -14.29
C TYR F 99 34.75 -7.72 -14.33
N TRP F 100 34.90 -6.60 -13.62
CA TRP F 100 33.95 -5.47 -13.66
C TRP F 100 33.90 -4.92 -15.08
N ASP F 101 32.71 -4.80 -15.66
CA ASP F 101 32.46 -4.16 -16.97
C ASP F 101 32.03 -2.70 -16.70
N ARG F 102 32.97 -1.77 -16.81
CA ARG F 102 32.84 -0.32 -16.54
C ARG F 102 31.81 0.38 -17.42
N ASP F 103 31.51 -0.12 -18.62
CA ASP F 103 30.81 0.60 -19.71
C ASP F 103 29.47 -0.05 -19.99
N MET F 104 28.96 -0.83 -19.06
CA MET F 104 27.72 -1.59 -19.30
C MET F 104 26.52 -0.61 -19.35
C1 NAG G . 20.65 -47.45 3.95
C2 NAG G . 20.14 -48.68 3.19
C3 NAG G . 21.08 -49.91 3.26
C4 NAG G . 22.52 -49.51 2.97
C5 NAG G . 22.89 -48.41 3.99
C6 NAG G . 24.37 -47.99 4.05
C7 NAG G . 17.78 -48.76 2.93
C8 NAG G . 16.45 -49.04 3.52
N2 NAG G . 18.82 -49.01 3.70
O3 NAG G . 20.59 -50.89 2.34
O4 NAG G . 23.41 -50.65 3.01
O5 NAG G . 22.05 -47.26 3.70
O6 NAG G . 24.66 -47.12 2.96
O7 NAG G . 17.93 -48.28 1.81
O1 PG4 H . 12.41 -10.12 1.62
C1 PG4 H . 13.67 -9.84 2.22
C2 PG4 H . 14.78 -10.07 1.23
O2 PG4 H . 16.01 -9.64 1.81
C3 PG4 H . 17.08 -9.31 0.92
C4 PG4 H . 16.69 -8.27 -0.06
O3 PG4 H . 17.83 -7.71 -0.70
C5 PG4 H . 17.72 -7.65 -2.12
C6 PG4 H . 16.57 -6.80 -2.58
O4 PG4 H . 15.83 -7.48 -3.58
C7 PG4 H . 14.61 -6.84 -3.96
C8 PG4 H . 13.47 -7.79 -3.90
O5 PG4 H . 13.54 -8.68 -5.02
C1 PPI I . 13.31 -28.32 21.48
C2 PPI I . 12.79 -29.74 21.17
C3 PPI I . 13.30 -30.99 21.89
O1 PPI I . 14.52 -28.03 21.25
O2 PPI I . 12.47 -27.45 21.82
C1 NAG J . -48.11 5.37 -19.33
C2 NAG J . -49.08 4.17 -19.20
C3 NAG J . -50.46 4.51 -19.76
C4 NAG J . -51.01 5.69 -18.94
C5 NAG J . -50.06 6.88 -19.13
C6 NAG J . -50.46 8.05 -18.23
C7 NAG J . -48.09 1.95 -19.27
C8 NAG J . -47.50 0.89 -20.14
N2 NAG J . -48.56 3.01 -19.90
O3 NAG J . -51.28 3.34 -19.70
O4 NAG J . -52.39 6.03 -19.26
O5 NAG J . -48.67 6.57 -18.83
O6 NAG J . -49.66 9.17 -18.61
O7 NAG J . -48.11 1.85 -18.06
C1 EDO K . -25.46 18.43 -3.43
O1 EDO K . -24.55 18.12 -2.44
C2 EDO K . -26.77 18.90 -3.11
O2 EDO K . -26.85 20.09 -2.41
C1 EDO L . 16.13 -11.83 -3.90
O1 EDO L . 15.32 -11.91 -5.04
C2 EDO L . 15.65 -12.73 -2.82
O2 EDO L . 16.51 -12.76 -1.69
#